data_8P9O
#
_entry.id   8P9O
#
_cell.length_a   55.840
_cell.length_b   56.391
_cell.length_c   62.860
_cell.angle_alpha   90.93
_cell.angle_beta   90.55
_cell.angle_gamma   99.48
#
_symmetry.space_group_name_H-M   'P 1'
#
loop_
_entity.id
_entity.type
_entity.pdbx_description
1 polymer 'Proliferating cell nuclear antigen'
2 polymer 'Synthetic peptide corresponding to amino acids 437 to 451 of PolD3 from Chaetomium thermophilum'
3 water water
#
loop_
_entity_poly.entity_id
_entity_poly.type
_entity_poly.pdbx_seq_one_letter_code
_entity_poly.pdbx_strand_id
1 'polypeptide(L)'
;GAMALEARLEQASILKKVVDAIKDLVQDCNFDCNDSGIALQAMDNSHVALVSMMLKAEGFSPYRCDRNIALGVNLTSLTK
VLRAAQNEDILTLKAEDAPDVLNLVFESSETDRISEYDLKLMDIDQEHLGIPETEYAATITMPSNEFKRITTDLMAMSES
VTIEANKDGVKFSCQGDIGNGSVTLRQHTNVEKPNESIEIELSEPVSLTFSLKYLVNFCKASALSNTVKICLSNEVPLLV
EYSLGGSSYLRFYLAPKIGDDE
;
A,B,C
2 'polypeptide(L)' GKGGQGSIMSWFAKK P
#
# COMPACT_ATOMS: atom_id res chain seq x y z
N ALA A 4 -38.85 -9.57 9.31
CA ALA A 4 -38.56 -10.41 10.51
C ALA A 4 -37.29 -9.93 11.21
N LEU A 5 -36.20 -9.75 10.45
CA LEU A 5 -34.99 -9.10 10.96
C LEU A 5 -34.82 -7.75 10.28
N GLU A 6 -34.59 -6.71 11.11
CA GLU A 6 -34.22 -5.40 10.60
C GLU A 6 -33.25 -4.76 11.59
N ALA A 7 -31.97 -4.71 11.20
CA ALA A 7 -30.91 -4.29 12.09
C ALA A 7 -30.05 -3.24 11.40
N ARG A 8 -29.99 -2.04 12.01
CA ARG A 8 -29.35 -0.89 11.43
C ARG A 8 -28.08 -0.57 12.21
N LEU A 9 -26.96 -0.45 11.47
CA LEU A 9 -25.70 0.02 12.00
C LEU A 9 -25.48 1.46 11.52
N GLU A 10 -25.25 2.38 12.46
CA GLU A 10 -24.96 3.75 12.11
C GLU A 10 -23.72 3.81 11.21
N GLN A 11 -22.73 2.96 11.50
CA GLN A 11 -21.52 2.87 10.70
C GLN A 11 -21.23 1.41 10.36
N ALA A 12 -21.05 1.15 9.07
CA ALA A 12 -20.79 -0.19 8.54
C ALA A 12 -19.41 -0.71 8.98
N SER A 13 -18.49 0.21 9.30
CA SER A 13 -17.13 -0.08 9.71
C SER A 13 -17.01 -1.39 10.50
N ILE A 14 -17.78 -1.52 11.59
CA ILE A 14 -17.59 -2.59 12.55
C ILE A 14 -17.79 -3.94 11.88
N LEU A 15 -18.84 -4.08 11.06
CA LEU A 15 -19.16 -5.36 10.47
C LEU A 15 -18.12 -5.72 9.40
N LYS A 16 -17.67 -4.71 8.63
CA LYS A 16 -16.60 -4.89 7.66
C LYS A 16 -15.38 -5.50 8.35
N LYS A 17 -14.96 -4.90 9.47
CA LYS A 17 -13.73 -5.28 10.16
C LYS A 17 -13.85 -6.68 10.77
N VAL A 18 -15.05 -7.01 11.29
CA VAL A 18 -15.28 -8.32 11.90
C VAL A 18 -15.14 -9.42 10.85
N VAL A 19 -15.80 -9.24 9.70
CA VAL A 19 -15.80 -10.26 8.66
C VAL A 19 -14.39 -10.42 8.11
N ASP A 20 -13.69 -9.29 7.91
CA ASP A 20 -12.32 -9.31 7.44
C ASP A 20 -11.42 -10.05 8.44
N ALA A 21 -11.77 -9.96 9.73
CA ALA A 21 -10.97 -10.56 10.80
C ALA A 21 -11.20 -12.08 10.90
N ILE A 22 -12.21 -12.59 10.19
CA ILE A 22 -12.73 -13.92 10.42
C ILE A 22 -12.58 -14.79 9.16
N LYS A 23 -12.50 -14.15 7.99
CA LYS A 23 -12.77 -14.81 6.72
C LYS A 23 -11.64 -15.76 6.31
N ASP A 24 -10.45 -15.59 6.91
CA ASP A 24 -9.32 -16.46 6.61
C ASP A 24 -9.36 -17.70 7.52
N LEU A 25 -10.05 -17.63 8.66
CA LEU A 25 -10.23 -18.78 9.54
C LEU A 25 -11.45 -19.60 9.10
N VAL A 26 -12.49 -18.90 8.63
CA VAL A 26 -13.82 -19.47 8.49
C VAL A 26 -14.36 -19.12 7.11
N GLN A 27 -14.65 -20.15 6.30
CA GLN A 27 -15.20 -19.92 4.98
C GLN A 27 -16.70 -19.80 5.09
N ASP A 28 -17.34 -20.78 5.72
CA ASP A 28 -18.80 -20.86 5.82
C ASP A 28 -19.21 -20.85 7.29
N CYS A 29 -20.32 -20.16 7.59
CA CYS A 29 -20.83 -20.11 8.96
C CYS A 29 -22.24 -19.54 9.01
N ASN A 30 -22.88 -19.73 10.16
CA ASN A 30 -24.23 -19.21 10.41
C ASN A 30 -24.14 -17.97 11.29
N PHE A 31 -24.84 -16.92 10.87
CA PHE A 31 -25.13 -15.80 11.74
C PHE A 31 -26.49 -16.04 12.40
N ASP A 32 -26.47 -16.41 13.68
CA ASP A 32 -27.69 -16.70 14.42
C ASP A 32 -28.22 -15.38 15.00
N CYS A 33 -29.45 -15.02 14.60
CA CYS A 33 -30.06 -13.76 15.02
C CYS A 33 -31.24 -14.05 15.96
N ASN A 34 -31.30 -13.31 17.07
CA ASN A 34 -32.43 -13.35 17.98
C ASN A 34 -32.59 -11.98 18.62
N ASP A 35 -33.43 -11.89 19.67
CA ASP A 35 -33.79 -10.60 20.23
C ASP A 35 -32.59 -9.96 20.94
N SER A 36 -31.62 -10.79 21.38
CA SER A 36 -30.41 -10.30 22.05
C SER A 36 -29.44 -9.68 21.05
N GLY A 37 -29.49 -10.12 19.80
CA GLY A 37 -28.57 -9.61 18.79
C GLY A 37 -28.12 -10.71 17.84
N ILE A 38 -26.96 -10.48 17.20
CA ILE A 38 -26.47 -11.35 16.13
C ILE A 38 -25.19 -12.03 16.63
N ALA A 39 -25.25 -13.38 16.69
CA ALA A 39 -24.14 -14.18 17.16
C ALA A 39 -23.57 -15.01 16.02
N LEU A 40 -22.32 -15.45 16.19
CA LEU A 40 -21.66 -16.34 15.26
C LEU A 40 -20.75 -17.28 16.04
N GLN A 41 -20.85 -18.58 15.73
CA GLN A 41 -19.95 -19.57 16.28
C GLN A 41 -19.54 -20.55 15.18
N ALA A 42 -18.22 -20.67 14.96
CA ALA A 42 -17.71 -21.57 13.93
C ALA A 42 -16.28 -21.98 14.25
N MET A 43 -16.00 -23.25 13.98
CA MET A 43 -14.64 -23.75 13.99
C MET A 43 -13.99 -23.35 12.67
N ASP A 44 -12.67 -23.15 12.68
CA ASP A 44 -11.91 -22.99 11.44
C ASP A 44 -11.96 -24.30 10.66
N ASN A 45 -11.47 -24.26 9.42
CA ASN A 45 -11.58 -25.37 8.49
C ASN A 45 -10.91 -26.62 9.04
N SER A 46 -9.88 -26.45 9.88
CA SER A 46 -9.07 -27.56 10.36
C SER A 46 -9.45 -27.99 11.77
N HIS A 47 -10.43 -27.31 12.39
CA HIS A 47 -11.02 -27.70 13.67
C HIS A 47 -10.02 -27.52 14.82
N VAL A 48 -9.21 -26.48 14.74
CA VAL A 48 -8.18 -26.19 15.73
C VAL A 48 -8.57 -24.95 16.54
N ALA A 49 -9.18 -23.96 15.87
CA ALA A 49 -9.64 -22.72 16.49
C ALA A 49 -11.17 -22.65 16.44
N LEU A 50 -11.73 -21.93 17.41
CA LEU A 50 -13.15 -21.59 17.43
C LEU A 50 -13.31 -20.07 17.44
N VAL A 51 -14.18 -19.57 16.57
CA VAL A 51 -14.53 -18.16 16.50
C VAL A 51 -15.90 -17.99 17.13
N SER A 52 -16.02 -17.00 18.03
CA SER A 52 -17.27 -16.74 18.74
C SER A 52 -17.51 -15.22 18.81
N MET A 53 -18.59 -14.76 18.17
CA MET A 53 -18.87 -13.34 18.05
C MET A 53 -20.28 -13.08 18.57
N MET A 54 -20.46 -11.91 19.20
CA MET A 54 -21.78 -11.45 19.61
C MET A 54 -21.84 -9.94 19.40
N LEU A 55 -22.66 -9.52 18.44
CA LEU A 55 -23.05 -8.12 18.28
C LEU A 55 -24.42 -7.94 18.90
N LYS A 56 -24.46 -7.23 20.03
CA LYS A 56 -25.67 -7.10 20.82
C LYS A 56 -26.63 -6.12 20.17
N ALA A 57 -27.92 -6.35 20.43
CA ALA A 57 -29.00 -5.51 19.94
C ALA A 57 -28.75 -4.03 20.21
N GLU A 58 -28.18 -3.74 21.39
CA GLU A 58 -27.97 -2.36 21.82
C GLU A 58 -26.94 -1.67 20.91
N GLY A 59 -26.08 -2.45 20.23
CA GLY A 59 -25.10 -1.92 19.31
C GLY A 59 -25.71 -1.41 18.01
N PHE A 60 -26.94 -1.82 17.72
CA PHE A 60 -27.68 -1.34 16.57
C PHE A 60 -28.61 -0.21 17.00
N SER A 61 -29.19 0.48 16.01
CA SER A 61 -30.13 1.56 16.24
C SER A 61 -30.98 1.79 14.99
N PRO A 62 -32.14 1.13 14.84
CA PRO A 62 -32.65 0.15 15.80
C PRO A 62 -32.29 -1.30 15.48
N TYR A 63 -32.72 -2.21 16.35
CA TYR A 63 -32.65 -3.64 16.13
C TYR A 63 -34.02 -4.27 16.35
N ARG A 64 -34.46 -5.09 15.39
CA ARG A 64 -35.69 -5.86 15.50
C ARG A 64 -35.43 -7.26 14.98
N CYS A 65 -35.65 -8.28 15.83
CA CYS A 65 -35.67 -9.66 15.40
C CYS A 65 -36.87 -10.37 16.01
N ASP A 66 -37.89 -10.60 15.19
CA ASP A 66 -39.18 -11.11 15.64
C ASP A 66 -39.08 -12.60 15.93
N ARG A 67 -38.09 -13.27 15.34
CA ARG A 67 -37.97 -14.71 15.39
C ARG A 67 -36.49 -15.09 15.28
N ASN A 68 -36.13 -16.27 15.79
CA ASN A 68 -34.80 -16.82 15.57
C ASN A 68 -34.60 -17.04 14.07
N ILE A 69 -33.45 -16.60 13.57
CA ILE A 69 -33.12 -16.71 12.15
C ILE A 69 -31.65 -17.10 12.06
N ALA A 70 -31.40 -18.15 11.27
CA ALA A 70 -30.03 -18.54 10.94
C ALA A 70 -29.71 -18.05 9.52
N LEU A 71 -28.69 -17.21 9.39
CA LEU A 71 -28.22 -16.76 8.09
C LEU A 71 -26.98 -17.58 7.71
N GLY A 72 -27.16 -18.58 6.83
CA GLY A 72 -26.06 -19.37 6.32
C GLY A 72 -25.31 -18.65 5.22
N VAL A 73 -24.07 -18.24 5.51
CA VAL A 73 -23.33 -17.34 4.65
C VAL A 73 -21.97 -17.94 4.31
N ASN A 74 -21.55 -17.73 3.06
CA ASN A 74 -20.15 -17.88 2.66
C ASN A 74 -19.48 -16.53 2.87
N LEU A 75 -18.37 -16.51 3.63
CA LEU A 75 -17.77 -15.25 4.05
C LEU A 75 -17.00 -14.61 2.90
N THR A 76 -16.46 -15.42 1.97
CA THR A 76 -15.86 -14.86 0.76
C THR A 76 -16.90 -14.08 -0.03
N SER A 77 -18.11 -14.65 -0.15
CA SER A 77 -19.20 -13.98 -0.83
C SER A 77 -19.60 -12.71 -0.09
N LEU A 78 -19.73 -12.80 1.23
CA LEU A 78 -20.18 -11.67 2.04
C LEU A 78 -19.15 -10.53 1.97
N THR A 79 -17.86 -10.88 1.88
CA THR A 79 -16.79 -9.92 1.80
C THR A 79 -16.90 -9.10 0.52
N LYS A 80 -17.26 -9.76 -0.59
CA LYS A 80 -17.43 -9.08 -1.87
C LYS A 80 -18.49 -7.99 -1.75
N VAL A 81 -19.55 -8.27 -0.99
CA VAL A 81 -20.66 -7.35 -0.81
C VAL A 81 -20.26 -6.26 0.18
N LEU A 82 -19.62 -6.63 1.29
CA LEU A 82 -19.29 -5.66 2.34
C LEU A 82 -18.24 -4.67 1.86
N ARG A 83 -17.38 -5.09 0.92
CA ARG A 83 -16.38 -4.20 0.34
C ARG A 83 -17.07 -3.00 -0.31
N ALA A 84 -18.35 -3.14 -0.69
CA ALA A 84 -19.08 -2.09 -1.37
C ALA A 84 -19.61 -1.05 -0.38
N ALA A 85 -19.56 -1.34 0.91
CA ALA A 85 -19.95 -0.37 1.91
C ALA A 85 -18.72 0.41 2.34
N GLN A 86 -18.86 1.73 2.38
CA GLN A 86 -17.83 2.58 2.96
C GLN A 86 -17.94 2.46 4.47
N ASN A 87 -16.84 2.78 5.18
CA ASN A 87 -16.81 2.65 6.63
C ASN A 87 -17.93 3.49 7.26
N GLU A 88 -18.18 4.67 6.71
CA GLU A 88 -19.12 5.60 7.34
C GLU A 88 -20.49 5.52 6.68
N ASP A 89 -20.76 4.45 5.93
CA ASP A 89 -22.09 4.19 5.40
C ASP A 89 -23.00 3.70 6.53
N ILE A 90 -24.30 4.02 6.41
CA ILE A 90 -25.32 3.43 7.25
C ILE A 90 -25.70 2.09 6.63
N LEU A 91 -25.66 1.02 7.46
CA LEU A 91 -25.82 -0.34 6.97
C LEU A 91 -27.04 -0.94 7.66
N THR A 92 -27.95 -1.50 6.86
CA THR A 92 -29.13 -2.15 7.39
C THR A 92 -29.18 -3.59 6.87
N LEU A 93 -29.33 -4.54 7.80
CA LEU A 93 -29.54 -5.94 7.50
C LEU A 93 -31.02 -6.26 7.62
N LYS A 94 -31.59 -6.91 6.58
CA LYS A 94 -32.97 -7.35 6.61
C LYS A 94 -33.05 -8.80 6.13
N ALA A 95 -34.01 -9.54 6.71
CA ALA A 95 -34.29 -10.90 6.30
C ALA A 95 -35.71 -11.24 6.75
N GLU A 96 -36.44 -12.03 5.95
CA GLU A 96 -37.74 -12.49 6.42
C GLU A 96 -37.55 -13.83 7.13
N ASP A 97 -38.66 -14.37 7.65
CA ASP A 97 -38.67 -15.67 8.29
C ASP A 97 -38.21 -16.73 7.29
N ALA A 98 -37.37 -17.66 7.75
CA ALA A 98 -36.91 -18.76 6.93
C ALA A 98 -36.36 -18.21 5.61
N PRO A 99 -35.32 -17.36 5.67
CA PRO A 99 -34.90 -16.57 4.50
C PRO A 99 -34.04 -17.32 3.49
N ASP A 100 -34.10 -16.87 2.24
CA ASP A 100 -33.32 -17.41 1.15
C ASP A 100 -32.13 -16.50 0.85
N VAL A 101 -32.32 -15.20 1.10
CA VAL A 101 -31.28 -14.20 0.87
C VAL A 101 -31.18 -13.32 2.10
N LEU A 102 -30.01 -12.69 2.28
CA LEU A 102 -29.84 -11.60 3.21
C LEU A 102 -29.85 -10.30 2.40
N ASN A 103 -30.67 -9.34 2.86
CA ASN A 103 -30.78 -8.03 2.23
C ASN A 103 -29.88 -7.06 2.99
N LEU A 104 -28.89 -6.49 2.28
CA LEU A 104 -28.00 -5.48 2.84
C LEU A 104 -28.22 -4.17 2.09
N VAL A 105 -28.36 -3.08 2.86
CA VAL A 105 -28.58 -1.76 2.31
C VAL A 105 -27.50 -0.83 2.88
N PHE A 106 -26.75 -0.17 1.99
CA PHE A 106 -25.74 0.80 2.39
C PHE A 106 -26.18 2.19 1.94
N GLU A 107 -26.29 3.12 2.89
CA GLU A 107 -26.66 4.50 2.61
C GLU A 107 -25.43 5.37 2.85
N SER A 108 -25.05 6.07 1.78
CA SER A 108 -23.94 7.02 1.80
C SER A 108 -24.23 8.14 2.78
N SER A 109 -23.23 8.47 3.61
CA SER A 109 -23.30 9.59 4.52
C SER A 109 -22.76 10.86 3.88
N GLU A 110 -22.20 10.76 2.66
CA GLU A 110 -21.54 11.89 2.00
C GLU A 110 -22.27 12.35 0.73
N THR A 111 -23.15 11.51 0.16
CA THR A 111 -23.90 11.85 -1.04
C THR A 111 -25.18 11.03 -1.08
N ASP A 112 -25.97 11.17 -2.16
CA ASP A 112 -27.32 10.62 -2.24
C ASP A 112 -27.27 9.31 -3.02
N ARG A 113 -26.70 8.30 -2.34
CA ARG A 113 -26.42 6.99 -2.93
C ARG A 113 -26.91 5.89 -1.99
N ILE A 114 -27.71 4.98 -2.56
CA ILE A 114 -28.22 3.82 -1.84
C ILE A 114 -27.76 2.58 -2.59
N SER A 115 -27.08 1.70 -1.86
CA SER A 115 -26.65 0.42 -2.38
C SER A 115 -27.49 -0.67 -1.73
N GLU A 116 -27.88 -1.66 -2.52
CA GLU A 116 -28.71 -2.74 -2.04
C GLU A 116 -28.25 -4.04 -2.68
N TYR A 117 -28.03 -5.04 -1.81
CA TYR A 117 -27.58 -6.35 -2.23
C TYR A 117 -28.50 -7.41 -1.66
N ASP A 118 -28.86 -8.38 -2.50
CA ASP A 118 -29.53 -9.57 -2.02
C ASP A 118 -28.54 -10.71 -2.12
N LEU A 119 -27.95 -11.07 -0.97
CA LEU A 119 -26.94 -12.10 -0.90
C LEU A 119 -27.63 -13.45 -0.74
N LYS A 120 -27.35 -14.38 -1.67
CA LYS A 120 -27.93 -15.71 -1.61
C LYS A 120 -27.36 -16.43 -0.40
N LEU A 121 -28.24 -17.02 0.42
CA LEU A 121 -27.84 -17.76 1.60
C LEU A 121 -27.64 -19.23 1.23
N MET A 122 -26.81 -19.93 2.00
CA MET A 122 -26.60 -21.36 1.84
C MET A 122 -27.08 -22.09 3.10
N ASP A 123 -27.19 -23.41 2.98
CA ASP A 123 -27.56 -24.25 4.10
C ASP A 123 -26.28 -24.80 4.71
N ILE A 124 -26.07 -24.44 5.99
CA ILE A 124 -24.87 -24.84 6.72
C ILE A 124 -25.31 -25.68 7.92
N ASP A 125 -24.64 -26.82 8.10
CA ASP A 125 -24.97 -27.74 9.18
C ASP A 125 -24.34 -27.22 10.46
N GLN A 126 -25.14 -27.14 11.53
CA GLN A 126 -24.82 -26.35 12.72
C GLN A 126 -23.38 -26.56 13.19
N GLU A 127 -23.06 -27.77 13.66
CA GLU A 127 -21.80 -28.10 14.30
C GLU A 127 -21.49 -27.12 15.44
N HIS A 128 -22.48 -26.90 16.33
CA HIS A 128 -22.30 -25.99 17.45
C HIS A 128 -21.68 -26.70 18.65
N LEU A 129 -20.72 -26.01 19.28
CA LEU A 129 -20.02 -26.45 20.47
C LEU A 129 -20.41 -25.57 21.65
N GLY A 130 -20.48 -26.18 22.84
CA GLY A 130 -20.61 -25.44 24.08
C GLY A 130 -19.25 -24.97 24.58
N ILE A 131 -19.15 -23.68 24.89
CA ILE A 131 -17.94 -23.11 25.46
C ILE A 131 -18.11 -23.03 26.98
N PRO A 132 -17.31 -23.77 27.78
CA PRO A 132 -17.48 -23.74 29.23
C PRO A 132 -17.04 -22.41 29.84
N GLU A 133 -17.82 -21.92 30.81
CA GLU A 133 -17.43 -20.76 31.61
C GLU A 133 -16.22 -21.16 32.45
N THR A 134 -15.13 -20.41 32.29
CA THR A 134 -13.83 -20.82 32.82
C THR A 134 -13.25 -19.68 33.65
N GLU A 135 -12.82 -19.98 34.87
CA GLU A 135 -11.92 -19.11 35.59
C GLU A 135 -10.49 -19.47 35.19
N TYR A 136 -9.89 -18.61 34.36
CA TYR A 136 -8.57 -18.85 33.81
C TYR A 136 -7.51 -18.60 34.87
N ALA A 137 -6.36 -19.28 34.72
CA ALA A 137 -5.24 -19.16 35.65
C ALA A 137 -4.58 -17.79 35.52
N ALA A 138 -4.63 -17.19 34.33
CA ALA A 138 -4.00 -15.90 34.09
C ALA A 138 -4.76 -15.14 33.01
N THR A 139 -4.82 -13.80 33.20
CA THR A 139 -5.42 -12.90 32.23
C THR A 139 -4.42 -11.81 31.90
N ILE A 140 -4.25 -11.50 30.62
CA ILE A 140 -3.39 -10.39 30.21
C ILE A 140 -4.21 -9.44 29.36
N THR A 141 -4.27 -8.18 29.80
CA THR A 141 -4.88 -7.10 29.02
C THR A 141 -3.75 -6.19 28.56
N MET A 142 -3.59 -6.05 27.24
CA MET A 142 -2.46 -5.30 26.68
C MET A 142 -2.94 -4.55 25.43
N PRO A 143 -2.13 -3.64 24.84
CA PRO A 143 -2.47 -3.02 23.57
C PRO A 143 -2.53 -4.07 22.47
N SER A 144 -3.62 -4.05 21.66
CA SER A 144 -3.84 -5.07 20.66
C SER A 144 -2.80 -5.02 19.54
N ASN A 145 -2.30 -3.81 19.22
CA ASN A 145 -1.29 -3.61 18.19
C ASN A 145 0.04 -4.19 18.67
N GLU A 146 0.26 -4.18 19.99
CA GLU A 146 1.46 -4.75 20.57
C GLU A 146 1.43 -6.27 20.38
N PHE A 147 0.27 -6.88 20.63
CA PHE A 147 0.10 -8.32 20.47
C PHE A 147 0.27 -8.73 19.00
N LYS A 148 -0.26 -7.91 18.08
CA LYS A 148 -0.11 -8.16 16.65
C LYS A 148 1.38 -8.16 16.28
N ARG A 149 2.10 -7.16 16.79
CA ARG A 149 3.50 -6.95 16.49
C ARG A 149 4.35 -8.13 16.96
N ILE A 150 4.05 -8.62 18.18
CA ILE A 150 4.77 -9.74 18.76
C ILE A 150 4.54 -11.01 17.95
N THR A 151 3.27 -11.33 17.66
CA THR A 151 2.94 -12.56 16.96
C THR A 151 3.50 -12.55 15.54
N THR A 152 3.37 -11.42 14.85
CA THR A 152 3.87 -11.26 13.48
C THR A 152 5.38 -11.45 13.45
N ASP A 153 6.09 -10.83 14.40
CA ASP A 153 7.55 -10.83 14.42
C ASP A 153 8.08 -12.23 14.72
N LEU A 154 7.50 -12.89 15.72
CA LEU A 154 7.93 -14.21 16.11
C LEU A 154 7.58 -15.21 15.01
N MET A 155 6.50 -14.98 14.27
CA MET A 155 6.07 -15.92 13.24
C MET A 155 7.06 -15.96 12.08
N ALA A 156 7.86 -14.89 11.93
CA ALA A 156 8.86 -14.81 10.88
C ALA A 156 9.96 -15.85 11.11
N MET A 157 10.09 -16.37 12.34
CA MET A 157 11.21 -17.23 12.67
C MET A 157 10.78 -18.59 13.23
N SER A 158 9.48 -18.79 13.47
CA SER A 158 9.02 -20.01 14.11
C SER A 158 7.53 -20.21 13.87
N GLU A 159 7.08 -21.47 13.91
CA GLU A 159 5.68 -21.80 13.75
C GLU A 159 4.98 -21.85 15.10
N SER A 160 5.75 -21.85 16.20
CA SER A 160 5.20 -22.05 17.53
C SER A 160 5.71 -20.96 18.49
N VAL A 161 4.82 -20.54 19.40
CA VAL A 161 5.19 -19.65 20.49
C VAL A 161 4.78 -20.30 21.81
N THR A 162 5.70 -20.24 22.79
CA THR A 162 5.41 -20.61 24.16
C THR A 162 5.09 -19.33 24.94
N ILE A 163 3.96 -19.35 25.66
CA ILE A 163 3.52 -18.24 26.48
C ILE A 163 3.59 -18.69 27.94
N GLU A 164 4.46 -18.02 28.71
CA GLU A 164 4.65 -18.29 30.13
C GLU A 164 4.25 -17.06 30.93
N ALA A 165 3.48 -17.27 32.02
CA ALA A 165 3.01 -16.18 32.85
C ALA A 165 3.32 -16.49 34.32
N ASN A 166 3.86 -15.50 35.03
CA ASN A 166 4.24 -15.65 36.43
C ASN A 166 4.15 -14.29 37.14
N GLY A 169 5.95 -11.27 34.99
CA GLY A 169 5.28 -10.83 33.74
C GLY A 169 4.95 -11.99 32.82
N VAL A 170 4.78 -11.69 31.52
CA VAL A 170 4.46 -12.68 30.51
C VAL A 170 5.57 -12.69 29.46
N LYS A 171 6.02 -13.91 29.11
CA LYS A 171 7.11 -14.09 28.19
C LYS A 171 6.63 -14.92 27.01
N PHE A 172 6.78 -14.34 25.81
CA PHE A 172 6.53 -15.03 24.57
C PHE A 172 7.88 -15.48 24.01
N SER A 173 8.06 -16.79 23.83
CA SER A 173 9.33 -17.29 23.34
C SER A 173 9.10 -18.26 22.18
N CYS A 174 10.12 -18.37 21.32
CA CYS A 174 10.09 -19.30 20.21
C CYS A 174 11.50 -19.71 19.85
N GLN A 175 11.59 -20.80 19.09
CA GLN A 175 12.85 -21.29 18.58
C GLN A 175 12.64 -21.70 17.12
N GLY A 176 13.67 -21.48 16.30
CA GLY A 176 13.59 -21.80 14.88
C GLY A 176 14.98 -21.90 14.26
N ASP A 177 15.01 -21.99 12.93
CA ASP A 177 16.23 -22.20 12.19
C ASP A 177 17.25 -21.10 12.52
N ILE A 178 16.78 -19.84 12.59
CA ILE A 178 17.70 -18.72 12.67
C ILE A 178 18.18 -18.55 14.11
N GLY A 179 17.44 -19.11 15.07
CA GLY A 179 17.83 -19.08 16.48
C GLY A 179 16.62 -18.96 17.41
N ASN A 180 16.79 -18.16 18.47
CA ASN A 180 15.79 -18.04 19.52
C ASN A 180 15.35 -16.58 19.63
N GLY A 181 14.09 -16.40 20.04
CA GLY A 181 13.54 -15.07 20.28
C GLY A 181 12.54 -15.10 21.43
N SER A 182 12.52 -14.03 22.24
CA SER A 182 11.55 -13.89 23.29
C SER A 182 11.16 -12.43 23.47
N VAL A 183 9.93 -12.21 23.94
CA VAL A 183 9.44 -10.88 24.27
C VAL A 183 8.78 -10.98 25.63
N THR A 184 9.33 -10.22 26.60
CA THR A 184 8.86 -10.23 27.97
C THR A 184 8.13 -8.91 28.24
N LEU A 185 6.91 -9.02 28.78
CA LEU A 185 6.09 -7.88 29.14
C LEU A 185 5.85 -7.89 30.65
N ARG A 186 6.02 -6.73 31.29
CA ARG A 186 5.82 -6.60 32.72
C ARG A 186 4.52 -5.83 33.00
N GLN A 187 3.86 -6.20 34.10
CA GLN A 187 2.70 -5.50 34.62
C GLN A 187 3.03 -4.01 34.73
N HIS A 188 2.23 -3.17 34.06
CA HIS A 188 2.44 -1.73 34.10
C HIS A 188 1.15 -1.00 33.76
N THR A 189 0.71 -0.14 34.69
CA THR A 189 -0.41 0.75 34.45
C THR A 189 0.15 2.08 33.97
N ASN A 190 -0.33 2.52 32.79
CA ASN A 190 0.09 3.79 32.23
C ASN A 190 -1.02 4.82 32.49
N VAL A 191 -0.77 5.71 33.45
CA VAL A 191 -1.79 6.60 33.97
C VAL A 191 -2.13 7.68 32.93
N GLU A 192 -1.14 8.11 32.15
CA GLU A 192 -1.34 9.22 31.23
C GLU A 192 -1.77 8.70 29.85
N LYS A 193 -1.38 7.46 29.51
CA LYS A 193 -1.76 6.84 28.24
C LYS A 193 -2.24 5.41 28.52
N PRO A 194 -3.44 5.26 29.13
CA PRO A 194 -3.94 3.94 29.55
C PRO A 194 -3.93 2.83 28.51
N ASN A 195 -4.07 3.21 27.23
CA ASN A 195 -3.99 2.33 26.08
C ASN A 195 -2.66 1.58 26.05
N GLU A 196 -1.61 2.13 26.69
CA GLU A 196 -0.30 1.51 26.66
C GLU A 196 -0.16 0.46 27.77
N SER A 197 -1.15 0.34 28.66
CA SER A 197 -1.03 -0.42 29.89
C SER A 197 -0.98 -1.93 29.62
N ILE A 198 -0.26 -2.64 30.50
CA ILE A 198 -0.24 -4.09 30.58
C ILE A 198 -0.84 -4.48 31.93
N GLU A 199 -2.00 -5.14 31.95
CA GLU A 199 -2.58 -5.64 33.19
C GLU A 199 -2.48 -7.17 33.19
N ILE A 200 -1.88 -7.72 34.26
CA ILE A 200 -1.81 -9.16 34.46
C ILE A 200 -2.50 -9.50 35.78
N GLU A 201 -3.55 -10.31 35.70
CA GLU A 201 -4.14 -10.95 36.87
C GLU A 201 -3.79 -12.42 36.81
N LEU A 202 -3.18 -12.91 37.89
CA LEU A 202 -2.59 -14.23 37.93
C LEU A 202 -3.00 -14.90 39.24
N SER A 203 -3.56 -16.11 39.16
CA SER A 203 -3.79 -16.92 40.34
C SER A 203 -2.78 -18.07 40.40
N GLU A 204 -2.13 -18.37 39.26
CA GLU A 204 -1.39 -19.60 39.10
C GLU A 204 -0.49 -19.48 37.86
N PRO A 205 0.80 -19.88 37.93
CA PRO A 205 1.66 -19.86 36.75
C PRO A 205 1.14 -20.77 35.63
N VAL A 206 1.42 -20.35 34.39
CA VAL A 206 0.97 -21.07 33.20
C VAL A 206 2.11 -21.13 32.20
N SER A 207 2.18 -22.23 31.44
CA SER A 207 3.12 -22.36 30.34
C SER A 207 2.47 -23.22 29.24
N LEU A 208 2.20 -22.60 28.08
CA LEU A 208 1.49 -23.28 27.00
C LEU A 208 2.12 -22.90 25.66
N THR A 209 1.99 -23.79 24.68
CA THR A 209 2.56 -23.58 23.37
C THR A 209 1.45 -23.60 22.31
N PHE A 210 1.55 -22.66 21.36
CA PHE A 210 0.50 -22.42 20.39
C PHE A 210 1.09 -22.21 19.00
N SER A 211 0.24 -22.44 17.98
CA SER A 211 0.55 -22.12 16.60
C SER A 211 0.49 -20.61 16.36
N LEU A 212 1.55 -20.05 15.78
CA LEU A 212 1.62 -18.62 15.54
C LEU A 212 0.70 -18.21 14.39
N LYS A 213 0.66 -19.04 13.33
CA LYS A 213 -0.25 -18.83 12.21
C LYS A 213 -1.60 -18.33 12.68
N TYR A 214 -2.20 -19.08 13.63
CA TYR A 214 -3.55 -18.82 14.10
C TYR A 214 -3.60 -17.52 14.90
N LEU A 215 -2.61 -17.29 15.77
CA LEU A 215 -2.57 -16.08 16.59
C LEU A 215 -2.49 -14.85 15.70
N VAL A 216 -1.71 -14.94 14.62
CA VAL A 216 -1.55 -13.84 13.69
C VAL A 216 -2.89 -13.57 12.98
N ASN A 217 -3.63 -14.64 12.63
CA ASN A 217 -4.98 -14.47 12.09
C ASN A 217 -5.89 -13.77 13.08
N PHE A 218 -5.81 -14.15 14.36
CA PHE A 218 -6.63 -13.53 15.39
C PHE A 218 -6.36 -12.03 15.47
N CYS A 219 -5.13 -11.61 15.17
CA CYS A 219 -4.72 -10.22 15.31
C CYS A 219 -5.16 -9.38 14.10
N LYS A 220 -5.82 -9.99 13.13
CA LYS A 220 -6.49 -9.23 12.08
C LYS A 220 -7.63 -8.41 12.70
N ALA A 221 -8.02 -8.79 13.93
CA ALA A 221 -9.11 -8.13 14.64
C ALA A 221 -8.62 -6.91 15.42
N SER A 222 -7.32 -6.57 15.30
CA SER A 222 -6.72 -5.47 16.03
C SER A 222 -7.34 -4.12 15.69
N ALA A 223 -7.96 -3.97 14.51
CA ALA A 223 -8.58 -2.71 14.12
C ALA A 223 -9.90 -2.47 14.86
N LEU A 224 -10.43 -3.53 15.49
CA LEU A 224 -11.71 -3.45 16.18
C LEU A 224 -11.52 -2.73 17.51
N SER A 225 -10.35 -2.90 18.14
CA SER A 225 -10.15 -2.45 19.51
C SER A 225 -8.68 -2.18 19.79
N ASN A 226 -8.42 -1.18 20.64
CA ASN A 226 -7.06 -0.85 21.02
C ASN A 226 -6.56 -1.78 22.13
N THR A 227 -7.44 -2.61 22.70
CA THR A 227 -7.10 -3.53 23.77
C THR A 227 -7.44 -4.96 23.35
N VAL A 228 -6.59 -5.91 23.76
CA VAL A 228 -6.89 -7.33 23.62
C VAL A 228 -6.72 -7.97 24.99
N LYS A 229 -7.55 -8.99 25.27
CA LYS A 229 -7.49 -9.77 26.49
C LYS A 229 -7.06 -11.18 26.13
N ILE A 230 -6.04 -11.69 26.83
CA ILE A 230 -5.52 -13.03 26.57
C ILE A 230 -5.66 -13.84 27.85
N CYS A 231 -6.37 -14.97 27.76
CA CYS A 231 -6.64 -15.79 28.93
C CYS A 231 -6.04 -17.18 28.75
N LEU A 232 -5.34 -17.63 29.80
CA LEU A 232 -4.53 -18.84 29.78
C LEU A 232 -4.93 -19.74 30.93
N SER A 233 -5.01 -21.05 30.67
CA SER A 233 -4.93 -22.07 31.71
C SER A 233 -4.23 -23.29 31.15
N ASN A 234 -3.58 -24.05 32.04
CA ASN A 234 -2.81 -25.22 31.64
C ASN A 234 -3.74 -26.34 31.24
N GLU A 235 -3.49 -26.90 30.06
CA GLU A 235 -4.26 -28.00 29.50
C GLU A 235 -5.63 -27.52 29.01
N VAL A 236 -5.73 -26.24 28.66
CA VAL A 236 -7.01 -25.58 28.39
C VAL A 236 -6.76 -24.67 27.19
N PRO A 237 -7.76 -24.43 26.30
CA PRO A 237 -7.53 -23.56 25.14
C PRO A 237 -7.32 -22.10 25.50
N LEU A 238 -6.51 -21.44 24.66
CA LEU A 238 -6.29 -20.01 24.77
C LEU A 238 -7.58 -19.29 24.46
N LEU A 239 -7.86 -18.21 25.19
CA LEU A 239 -8.89 -17.27 24.76
C LEU A 239 -8.23 -15.96 24.40
N VAL A 240 -8.47 -15.47 23.18
CA VAL A 240 -8.09 -14.13 22.77
C VAL A 240 -9.38 -13.36 22.47
N GLU A 241 -9.61 -12.27 23.22
CA GLU A 241 -10.89 -11.58 23.21
C GLU A 241 -10.69 -10.11 22.87
N TYR A 242 -11.51 -9.60 21.93
CA TYR A 242 -11.62 -8.17 21.67
C TYR A 242 -13.02 -7.69 22.00
N SER A 243 -13.12 -6.55 22.70
CA SER A 243 -14.40 -5.90 22.94
C SER A 243 -14.87 -5.17 21.69
N LEU A 244 -16.15 -5.30 21.36
CA LEU A 244 -16.78 -4.60 20.25
C LEU A 244 -17.66 -3.47 20.77
N GLY A 245 -17.46 -3.10 22.04
CA GLY A 245 -18.27 -2.06 22.68
C GLY A 245 -19.41 -2.66 23.49
N GLY A 246 -19.67 -2.08 24.67
CA GLY A 246 -20.63 -2.63 25.61
C GLY A 246 -20.26 -4.07 25.95
N SER A 247 -21.23 -5.00 25.84
CA SER A 247 -20.97 -6.39 26.09
C SER A 247 -20.89 -7.20 24.79
N SER A 248 -20.74 -6.51 23.65
CA SER A 248 -20.45 -7.19 22.40
C SER A 248 -18.97 -7.59 22.37
N TYR A 249 -18.63 -8.62 21.60
CA TYR A 249 -17.28 -9.17 21.63
C TYR A 249 -16.98 -10.00 20.38
N LEU A 250 -15.68 -10.19 20.10
CA LEU A 250 -15.20 -11.20 19.19
C LEU A 250 -14.14 -12.04 19.92
N ARG A 251 -14.40 -13.35 20.03
CA ARG A 251 -13.52 -14.23 20.79
C ARG A 251 -12.92 -15.29 19.87
N PHE A 252 -11.64 -15.57 20.12
CA PHE A 252 -10.93 -16.64 19.44
C PHE A 252 -10.46 -17.64 20.48
N TYR A 253 -10.75 -18.92 20.24
CA TYR A 253 -10.26 -19.99 21.10
C TYR A 253 -9.25 -20.81 20.30
N LEU A 254 -8.12 -21.17 20.92
CA LEU A 254 -7.07 -21.90 20.24
C LEU A 254 -6.55 -23.03 21.14
N ALA A 255 -6.64 -24.26 20.64
CA ALA A 255 -6.11 -25.42 21.33
C ALA A 255 -4.60 -25.33 21.37
N PRO A 256 -3.95 -25.72 22.50
CA PRO A 256 -2.50 -25.76 22.58
C PRO A 256 -1.90 -26.93 21.78
N LYS A 257 -0.65 -26.79 21.37
CA LYS A 257 0.09 -27.89 20.77
C LYS A 257 0.44 -28.91 21.84
N ILE A 258 0.22 -30.19 21.53
CA ILE A 258 0.36 -31.28 22.48
C ILE A 258 1.28 -32.35 21.86
N ALA B 4 32.84 -10.38 25.34
CA ALA B 4 33.88 -9.98 24.35
C ALA B 4 33.42 -8.76 23.55
N LEU B 5 32.21 -8.82 22.98
CA LEU B 5 31.58 -7.67 22.36
C LEU B 5 30.36 -7.24 23.19
N GLU B 6 30.31 -5.94 23.50
CA GLU B 6 29.14 -5.32 24.10
C GLU B 6 28.97 -3.92 23.52
N ALA B 7 27.96 -3.75 22.66
CA ALA B 7 27.75 -2.50 21.96
C ALA B 7 26.29 -2.06 22.10
N ARG B 8 26.10 -0.87 22.69
CA ARG B 8 24.78 -0.35 23.03
C ARG B 8 24.47 0.83 22.12
N LEU B 9 23.31 0.75 21.45
CA LEU B 9 22.75 1.85 20.69
C LEU B 9 21.60 2.47 21.47
N GLU B 10 21.66 3.78 21.68
CA GLU B 10 20.59 4.51 22.34
C GLU B 10 19.28 4.32 21.56
N GLN B 11 19.39 4.35 20.22
CA GLN B 11 18.24 4.17 19.36
C GLN B 11 18.57 3.15 18.27
N ALA B 12 17.71 2.13 18.17
CA ALA B 12 17.88 1.02 17.24
C ALA B 12 17.70 1.49 15.79
N SER B 13 16.98 2.61 15.59
CA SER B 13 16.66 3.16 14.28
C SER B 13 17.78 2.95 13.26
N ILE B 14 19.00 3.40 13.61
CA ILE B 14 20.07 3.50 12.64
C ILE B 14 20.43 2.12 12.08
N LEU B 15 20.52 1.12 12.97
CA LEU B 15 20.94 -0.21 12.55
C LEU B 15 19.84 -0.86 11.70
N LYS B 16 18.58 -0.65 12.09
CA LYS B 16 17.44 -1.15 11.33
C LYS B 16 17.51 -0.63 9.90
N LYS B 17 17.74 0.69 9.74
CA LYS B 17 17.71 1.34 8.45
C LYS B 17 18.89 0.88 7.59
N VAL B 18 20.05 0.68 8.21
CA VAL B 18 21.24 0.26 7.48
C VAL B 18 21.04 -1.13 6.89
N VAL B 19 20.56 -2.07 7.71
CA VAL B 19 20.39 -3.45 7.27
C VAL B 19 19.32 -3.51 6.19
N ASP B 20 18.24 -2.74 6.37
CA ASP B 20 17.17 -2.67 5.38
C ASP B 20 17.70 -2.08 4.08
N ALA B 21 18.71 -1.20 4.17
CA ALA B 21 19.27 -0.53 3.01
C ALA B 21 20.25 -1.43 2.26
N ILE B 22 20.59 -2.58 2.84
CA ILE B 22 21.72 -3.38 2.39
C ILE B 22 21.23 -4.77 1.94
N LYS B 23 20.08 -5.22 2.44
CA LYS B 23 19.70 -6.62 2.40
C LYS B 23 19.34 -7.09 0.98
N ASP B 24 19.04 -6.16 0.08
CA ASP B 24 18.70 -6.52 -1.30
C ASP B 24 19.98 -6.60 -2.15
N LEU B 25 21.04 -5.92 -1.71
CA LEU B 25 22.33 -5.95 -2.39
C LEU B 25 23.16 -7.14 -1.91
N VAL B 26 23.02 -7.47 -0.62
CA VAL B 26 23.93 -8.38 0.07
C VAL B 26 23.09 -9.35 0.88
N GLN B 27 23.19 -10.65 0.58
CA GLN B 27 22.44 -11.66 1.30
C GLN B 27 23.22 -12.05 2.55
N ASP B 28 24.49 -12.44 2.36
CA ASP B 28 25.34 -12.93 3.43
C ASP B 28 26.56 -12.01 3.54
N CYS B 29 27.01 -11.77 4.78
CA CYS B 29 28.18 -10.95 4.99
C CYS B 29 28.68 -11.07 6.43
N ASN B 30 29.89 -10.55 6.65
CA ASN B 30 30.49 -10.46 7.96
C ASN B 30 30.39 -9.03 8.47
N PHE B 31 29.92 -8.90 9.71
CA PHE B 31 30.08 -7.67 10.46
C PHE B 31 31.37 -7.78 11.27
N ASP B 32 32.41 -7.08 10.82
CA ASP B 32 33.71 -7.13 11.47
C ASP B 32 33.71 -6.09 12.60
N CYS B 33 33.94 -6.57 13.82
CA CYS B 33 33.97 -5.73 15.00
C CYS B 33 35.41 -5.59 15.49
N ASN B 34 35.83 -4.35 15.75
CA ASN B 34 37.12 -4.07 16.34
C ASN B 34 37.01 -2.81 17.19
N ASP B 35 38.17 -2.26 17.57
CA ASP B 35 38.25 -1.13 18.49
C ASP B 35 37.61 0.12 17.89
N SER B 36 37.66 0.23 16.55
CA SER B 36 37.11 1.37 15.83
C SER B 36 35.59 1.33 15.79
N GLY B 37 35.01 0.14 15.89
CA GLY B 37 33.57 -0.01 15.78
C GLY B 37 33.20 -1.21 14.92
N ILE B 38 32.01 -1.14 14.30
CA ILE B 38 31.47 -2.26 13.54
C ILE B 38 31.45 -1.89 12.06
N ALA B 39 32.21 -2.67 11.28
CA ALA B 39 32.42 -2.40 9.87
C ALA B 39 31.85 -3.55 9.05
N LEU B 40 31.62 -3.26 7.76
CA LEU B 40 31.20 -4.25 6.80
C LEU B 40 31.80 -3.89 5.46
N GLN B 41 32.39 -4.87 4.78
CA GLN B 41 32.88 -4.69 3.42
C GLN B 41 32.53 -5.93 2.61
N ALA B 42 31.75 -5.76 1.54
CA ALA B 42 31.25 -6.89 0.77
C ALA B 42 30.84 -6.45 -0.63
N MET B 43 31.01 -7.37 -1.58
CA MET B 43 30.46 -7.19 -2.91
C MET B 43 28.98 -7.54 -2.85
N ASP B 44 28.17 -6.88 -3.67
CA ASP B 44 26.76 -7.18 -3.81
C ASP B 44 26.59 -8.61 -4.35
N ASN B 45 25.34 -9.07 -4.41
CA ASN B 45 25.01 -10.43 -4.78
C ASN B 45 25.58 -10.80 -6.15
N SER B 46 25.72 -9.80 -7.05
CA SER B 46 26.11 -10.06 -8.43
C SER B 46 27.58 -9.73 -8.68
N HIS B 47 28.29 -9.26 -7.65
CA HIS B 47 29.74 -9.09 -7.65
C HIS B 47 30.16 -7.95 -8.56
N VAL B 48 29.35 -6.90 -8.61
CA VAL B 48 29.64 -5.73 -9.45
C VAL B 48 30.02 -4.54 -8.59
N ALA B 49 29.30 -4.35 -7.47
CA ALA B 49 29.42 -3.15 -6.65
C ALA B 49 29.93 -3.50 -5.27
N LEU B 50 30.53 -2.53 -4.57
CA LEU B 50 31.09 -2.77 -3.25
C LEU B 50 30.32 -1.94 -2.21
N VAL B 51 29.93 -2.62 -1.12
CA VAL B 51 29.27 -1.99 0.01
C VAL B 51 30.28 -1.87 1.13
N SER B 52 30.37 -0.68 1.73
CA SER B 52 31.33 -0.40 2.79
C SER B 52 30.65 0.43 3.87
N MET B 53 30.53 -0.17 5.07
CA MET B 53 29.83 0.47 6.18
C MET B 53 30.77 0.56 7.37
N MET B 54 30.64 1.65 8.13
CA MET B 54 31.34 1.81 9.38
C MET B 54 30.41 2.52 10.37
N LEU B 55 30.01 1.78 11.41
CA LEU B 55 29.43 2.36 12.61
C LEU B 55 30.53 2.50 13.66
N LYS B 56 30.91 3.75 13.93
CA LYS B 56 32.06 4.05 14.76
C LYS B 56 31.73 3.80 16.23
N ALA B 57 32.75 3.39 16.99
CA ALA B 57 32.65 3.11 18.41
C ALA B 57 32.00 4.28 19.15
N GLU B 58 32.33 5.50 18.75
CA GLU B 58 31.85 6.70 19.41
C GLU B 58 30.33 6.84 19.24
N GLY B 59 29.76 6.22 18.21
CA GLY B 59 28.33 6.24 17.98
C GLY B 59 27.54 5.38 18.96
N PHE B 60 28.23 4.46 19.64
CA PHE B 60 27.62 3.65 20.70
C PHE B 60 27.89 4.29 22.05
N SER B 61 27.17 3.80 23.08
CA SER B 61 27.39 4.24 24.44
C SER B 61 26.84 3.18 25.40
N PRO B 62 27.67 2.22 25.89
CA PRO B 62 29.08 2.12 25.53
C PRO B 62 29.38 1.20 24.34
N TYR B 63 30.66 1.19 23.95
CA TYR B 63 31.19 0.21 23.01
C TYR B 63 32.41 -0.48 23.63
N ARG B 64 32.39 -1.82 23.60
CA ARG B 64 33.50 -2.63 24.09
C ARG B 64 33.71 -3.80 23.13
N CYS B 65 34.91 -3.88 22.55
CA CYS B 65 35.34 -5.02 21.77
C CYS B 65 36.75 -5.44 22.21
N ASP B 66 36.81 -6.55 22.97
CA ASP B 66 38.04 -6.98 23.62
C ASP B 66 38.99 -7.62 22.61
N ARG B 67 38.43 -8.12 21.50
CA ARG B 67 39.21 -8.73 20.45
C ARG B 67 38.38 -8.70 19.16
N ASN B 68 39.07 -8.77 18.02
CA ASN B 68 38.40 -8.66 16.74
C ASN B 68 37.48 -9.86 16.56
N ILE B 69 36.25 -9.58 16.08
CA ILE B 69 35.24 -10.61 15.90
C ILE B 69 34.58 -10.40 14.54
N ALA B 70 34.44 -11.48 13.77
CA ALA B 70 33.59 -11.50 12.59
C ALA B 70 32.24 -12.13 12.95
N LEU B 71 31.17 -11.38 12.74
CA LEU B 71 29.81 -11.89 12.89
C LEU B 71 29.27 -12.27 11.52
N GLY B 72 29.28 -13.57 11.22
CA GLY B 72 28.77 -14.08 9.96
C GLY B 72 27.25 -14.21 10.00
N VAL B 73 26.58 -13.36 9.21
CA VAL B 73 25.15 -13.18 9.31
C VAL B 73 24.52 -13.31 7.92
N ASN B 74 23.34 -13.93 7.89
CA ASN B 74 22.42 -13.80 6.76
C ASN B 74 21.53 -12.60 7.04
N LEU B 75 21.47 -11.64 6.10
CA LEU B 75 20.82 -10.38 6.36
C LEU B 75 19.30 -10.53 6.33
N THR B 76 18.78 -11.48 5.55
CA THR B 76 17.35 -11.77 5.60
C THR B 76 16.97 -12.25 6.99
N SER B 77 17.81 -13.12 7.58
CA SER B 77 17.59 -13.59 8.93
C SER B 77 17.69 -12.44 9.93
N LEU B 78 18.70 -11.59 9.79
CA LEU B 78 18.91 -10.49 10.72
C LEU B 78 17.75 -9.49 10.64
N THR B 79 17.19 -9.31 9.44
CA THR B 79 16.08 -8.42 9.21
C THR B 79 14.85 -8.89 9.98
N LYS B 80 14.62 -10.21 10.02
CA LYS B 80 13.50 -10.78 10.75
C LYS B 80 13.59 -10.39 12.23
N VAL B 81 14.81 -10.38 12.77
CA VAL B 81 15.04 -10.06 14.16
C VAL B 81 14.93 -8.55 14.37
N LEU B 82 15.54 -7.76 13.48
CA LEU B 82 15.60 -6.32 13.66
C LEU B 82 14.22 -5.69 13.51
N ARG B 83 13.33 -6.32 12.71
CA ARG B 83 11.98 -5.86 12.55
C ARG B 83 11.26 -5.80 13.89
N ALA B 84 11.74 -6.58 14.87
CA ALA B 84 11.11 -6.64 16.19
C ALA B 84 11.54 -5.47 17.08
N ALA B 85 12.56 -4.71 16.65
CA ALA B 85 12.97 -3.53 17.38
C ALA B 85 12.21 -2.33 16.83
N GLN B 86 11.63 -1.53 17.72
CA GLN B 86 11.08 -0.25 17.33
C GLN B 86 12.24 0.72 17.18
N ASN B 87 11.99 1.80 16.42
CA ASN B 87 13.03 2.77 16.11
C ASN B 87 13.61 3.35 17.41
N GLU B 88 12.76 3.58 18.41
CA GLU B 88 13.18 4.26 19.63
C GLU B 88 13.60 3.27 20.71
N ASP B 89 13.77 1.99 20.36
CA ASP B 89 14.23 0.99 21.32
C ASP B 89 15.72 1.19 21.59
N ILE B 90 16.15 0.82 22.80
CA ILE B 90 17.56 0.72 23.13
C ILE B 90 18.01 -0.68 22.70
N LEU B 91 19.10 -0.73 21.92
CA LEU B 91 19.55 -1.95 21.29
C LEU B 91 20.96 -2.28 21.79
N THR B 92 21.14 -3.50 22.30
CA THR B 92 22.45 -3.94 22.76
C THR B 92 22.86 -5.22 22.02
N LEU B 93 24.06 -5.19 21.43
CA LEU B 93 24.68 -6.35 20.81
C LEU B 93 25.70 -6.95 21.76
N LYS B 94 25.61 -8.27 21.98
CA LYS B 94 26.62 -9.00 22.74
C LYS B 94 27.05 -10.24 21.97
N ALA B 95 28.33 -10.62 22.14
CA ALA B 95 28.88 -11.83 21.57
C ALA B 95 30.13 -12.23 22.34
N GLU B 96 30.35 -13.55 22.43
CA GLU B 96 31.54 -14.12 23.07
C GLU B 96 32.67 -14.15 22.05
N ASP B 97 33.88 -14.50 22.51
CA ASP B 97 35.00 -14.76 21.62
C ASP B 97 34.64 -15.96 20.75
N ALA B 98 34.98 -15.87 19.45
CA ALA B 98 34.73 -16.96 18.52
C ALA B 98 33.29 -17.42 18.64
N PRO B 99 32.32 -16.52 18.39
CA PRO B 99 30.93 -16.74 18.77
C PRO B 99 30.14 -17.65 17.82
N ASP B 100 29.11 -18.30 18.38
CA ASP B 100 28.22 -19.14 17.60
C ASP B 100 26.92 -18.40 17.33
N VAL B 101 26.53 -17.49 18.24
CA VAL B 101 25.31 -16.72 18.08
C VAL B 101 25.63 -15.25 18.37
N LEU B 102 24.81 -14.36 17.81
CA LEU B 102 24.78 -12.97 18.21
C LEU B 102 23.58 -12.76 19.13
N ASN B 103 23.83 -12.12 20.28
CA ASN B 103 22.79 -11.77 21.24
C ASN B 103 22.33 -10.33 20.98
N LEU B 104 21.05 -10.16 20.66
CA LEU B 104 20.44 -8.85 20.48
C LEU B 104 19.38 -8.65 21.55
N VAL B 105 19.40 -7.48 22.19
CA VAL B 105 18.42 -7.12 23.21
C VAL B 105 17.80 -5.77 22.83
N PHE B 106 16.46 -5.72 22.74
CA PHE B 106 15.74 -4.49 22.49
C PHE B 106 14.92 -4.13 23.73
N GLU B 107 15.18 -2.92 24.27
CA GLU B 107 14.45 -2.40 25.41
C GLU B 107 13.59 -1.22 24.99
N SER B 108 12.32 -1.19 25.41
CA SER B 108 11.46 -0.08 25.04
C SER B 108 11.88 1.17 25.84
N THR B 111 7.66 1.72 27.20
CA THR B 111 6.91 0.61 27.84
C THR B 111 7.89 -0.31 28.58
N ASP B 112 7.33 -1.32 29.26
CA ASP B 112 8.12 -2.29 30.00
C ASP B 112 8.16 -3.58 29.18
N ARG B 113 8.93 -3.52 28.08
CA ARG B 113 9.16 -4.65 27.19
C ARG B 113 10.67 -4.84 27.00
N ILE B 114 11.11 -6.10 27.15
CA ILE B 114 12.44 -6.53 26.77
C ILE B 114 12.31 -7.63 25.72
N SER B 115 12.95 -7.42 24.57
CA SER B 115 13.03 -8.44 23.54
C SER B 115 14.47 -8.93 23.45
N GLU B 116 14.64 -10.24 23.35
CA GLU B 116 15.97 -10.84 23.31
C GLU B 116 16.00 -11.95 22.26
N TYR B 117 17.00 -11.87 21.38
CA TYR B 117 17.18 -12.84 20.31
C TYR B 117 18.59 -13.39 20.36
N ASP B 118 18.72 -14.71 20.18
CA ASP B 118 20.01 -15.32 19.90
C ASP B 118 20.00 -15.74 18.44
N LEU B 119 20.68 -14.95 17.61
CA LEU B 119 20.75 -15.22 16.19
C LEU B 119 21.91 -16.19 15.92
N LYS B 120 21.61 -17.33 15.29
CA LYS B 120 22.65 -18.28 14.93
C LYS B 120 23.53 -17.65 13.84
N LEU B 121 24.85 -17.70 14.04
CA LEU B 121 25.81 -17.16 13.09
C LEU B 121 26.21 -18.25 12.10
N MET B 122 26.65 -17.83 10.91
CA MET B 122 27.20 -18.73 9.90
C MET B 122 28.66 -18.36 9.65
N ASP B 123 29.36 -19.25 8.94
CA ASP B 123 30.73 -18.97 8.52
C ASP B 123 30.69 -18.45 7.09
N ILE B 124 31.14 -17.21 6.93
CA ILE B 124 31.17 -16.52 5.66
C ILE B 124 32.61 -16.12 5.38
N ASP B 125 33.07 -16.32 4.14
CA ASP B 125 34.41 -15.91 3.74
C ASP B 125 34.39 -14.40 3.46
N GLN B 126 35.33 -13.66 4.07
CA GLN B 126 35.57 -12.29 3.68
C GLN B 126 36.37 -12.38 2.38
N GLU B 127 35.75 -12.02 1.26
CA GLU B 127 36.50 -11.66 0.06
C GLU B 127 37.41 -10.50 0.46
N HIS B 128 38.63 -10.43 -0.08
CA HIS B 128 39.66 -9.57 0.47
C HIS B 128 39.44 -8.12 0.03
N GLU B 135 40.53 10.64 -3.12
CA GLU B 135 40.68 12.04 -3.62
C GLU B 135 40.02 12.12 -5.00
N TYR B 136 38.85 12.76 -5.06
CA TYR B 136 37.99 12.72 -6.24
C TYR B 136 38.04 14.05 -6.99
N ALA B 137 37.82 13.97 -8.31
CA ALA B 137 37.84 15.13 -9.18
C ALA B 137 36.63 16.03 -8.92
N ALA B 138 35.52 15.44 -8.47
CA ALA B 138 34.33 16.22 -8.14
C ALA B 138 33.53 15.52 -7.04
N THR B 139 32.93 16.34 -6.17
CA THR B 139 32.02 15.86 -5.15
C THR B 139 30.70 16.62 -5.28
N ILE B 140 29.59 15.89 -5.25
CA ILE B 140 28.27 16.49 -5.34
C ILE B 140 27.49 16.14 -4.09
N THR B 141 27.01 17.16 -3.40
CA THR B 141 26.15 17.00 -2.25
C THR B 141 24.77 17.52 -2.63
N MET B 142 23.77 16.62 -2.61
CA MET B 142 22.44 16.96 -3.08
C MET B 142 21.41 16.26 -2.19
N PRO B 143 20.10 16.58 -2.29
CA PRO B 143 19.08 15.88 -1.51
C PRO B 143 19.01 14.42 -1.96
N SER B 144 18.99 13.50 -1.00
CA SER B 144 19.08 12.08 -1.30
C SER B 144 17.82 11.59 -2.03
N ASN B 145 16.66 12.16 -1.69
CA ASN B 145 15.40 11.81 -2.33
C ASN B 145 15.38 12.33 -3.77
N GLU B 146 16.11 13.41 -4.06
CA GLU B 146 16.25 13.92 -5.40
C GLU B 146 17.02 12.92 -6.26
N PHE B 147 18.12 12.39 -5.70
CA PHE B 147 18.94 11.41 -6.40
C PHE B 147 18.15 10.13 -6.66
N LYS B 148 17.33 9.71 -5.69
CA LYS B 148 16.48 8.53 -5.83
C LYS B 148 15.51 8.73 -7.00
N ARG B 149 14.89 9.92 -7.03
CA ARG B 149 13.87 10.28 -7.98
C ARG B 149 14.43 10.24 -9.42
N ILE B 150 15.62 10.82 -9.57
CA ILE B 150 16.27 10.89 -10.86
C ILE B 150 16.63 9.49 -11.37
N THR B 151 17.28 8.68 -10.51
CA THR B 151 17.74 7.37 -10.93
C THR B 151 16.56 6.47 -11.26
N THR B 152 15.52 6.50 -10.42
CA THR B 152 14.32 5.68 -10.62
C THR B 152 13.63 6.05 -11.94
N ASP B 153 13.51 7.36 -12.22
CA ASP B 153 12.79 7.85 -13.38
C ASP B 153 13.55 7.50 -14.67
N LEU B 154 14.86 7.75 -14.68
CA LEU B 154 15.66 7.47 -15.86
C LEU B 154 15.74 5.96 -16.09
N MET B 155 15.67 5.15 -15.02
CA MET B 155 15.79 3.70 -15.16
C MET B 155 14.59 3.13 -15.92
N ALA B 156 13.46 3.87 -15.95
CA ALA B 156 12.29 3.44 -16.70
C ALA B 156 12.56 3.38 -18.20
N MET B 157 13.61 4.07 -18.68
CA MET B 157 13.84 4.18 -20.11
C MET B 157 15.24 3.73 -20.53
N SER B 158 16.10 3.37 -19.56
CA SER B 158 17.50 3.13 -19.87
C SER B 158 18.16 2.30 -18.77
N GLU B 159 19.19 1.55 -19.19
CA GLU B 159 19.98 0.71 -18.32
C GLU B 159 21.16 1.52 -17.75
N SER B 160 21.47 2.69 -18.35
CA SER B 160 22.71 3.41 -18.07
C SER B 160 22.45 4.90 -17.89
N VAL B 161 23.21 5.54 -17.00
CA VAL B 161 23.18 6.99 -16.83
C VAL B 161 24.60 7.56 -16.94
N THR B 162 24.75 8.64 -17.70
CA THR B 162 25.95 9.45 -17.72
C THR B 162 25.80 10.60 -16.73
N ILE B 163 26.81 10.77 -15.87
CA ILE B 163 26.86 11.86 -14.92
C ILE B 163 28.00 12.79 -15.33
N GLU B 164 27.64 14.04 -15.68
CA GLU B 164 28.61 15.07 -16.03
C GLU B 164 28.53 16.20 -15.00
N ALA B 165 29.70 16.61 -14.49
CA ALA B 165 29.76 17.63 -13.47
C ALA B 165 30.74 18.73 -13.87
N ASN B 166 30.35 19.98 -13.65
CA ASN B 166 31.27 21.10 -13.73
C ASN B 166 30.94 22.12 -12.63
N LYS B 167 31.55 23.30 -12.71
CA LYS B 167 31.44 24.32 -11.68
C LYS B 167 29.97 24.52 -11.31
N ASP B 168 29.13 24.66 -12.34
CA ASP B 168 27.82 25.26 -12.20
C ASP B 168 26.71 24.23 -12.03
N GLY B 169 26.93 22.95 -12.38
CA GLY B 169 25.86 21.98 -12.25
C GLY B 169 26.23 20.54 -12.59
N VAL B 170 25.24 19.66 -12.41
CA VAL B 170 25.35 18.25 -12.70
C VAL B 170 24.24 17.88 -13.67
N LYS B 171 24.59 17.10 -14.71
CA LYS B 171 23.63 16.61 -15.67
C LYS B 171 23.62 15.08 -15.64
N PHE B 172 22.45 14.52 -15.41
CA PHE B 172 22.21 13.09 -15.53
C PHE B 172 21.53 12.84 -16.87
N SER B 173 22.16 12.05 -17.74
CA SER B 173 21.59 11.80 -19.05
C SER B 173 21.56 10.30 -19.35
N CYS B 174 20.65 9.89 -20.22
CA CYS B 174 20.50 8.49 -20.57
C CYS B 174 19.90 8.35 -21.96
N GLN B 175 20.05 7.17 -22.54
CA GLN B 175 19.57 6.87 -23.86
C GLN B 175 18.94 5.48 -23.85
N GLY B 176 17.88 5.30 -24.66
CA GLY B 176 17.23 4.02 -24.80
C GLY B 176 16.44 3.96 -26.11
N ASP B 177 15.72 2.87 -26.32
CA ASP B 177 14.93 2.71 -27.54
C ASP B 177 13.91 3.84 -27.67
N ILE B 178 13.32 4.29 -26.54
CA ILE B 178 12.24 5.24 -26.61
C ILE B 178 12.77 6.66 -26.85
N GLY B 179 14.04 6.90 -26.52
CA GLY B 179 14.71 8.12 -26.91
C GLY B 179 15.82 8.53 -25.95
N ASN B 180 15.94 9.85 -25.71
CA ASN B 180 16.93 10.40 -24.81
C ASN B 180 16.24 11.17 -23.69
N GLY B 181 16.90 11.22 -22.52
CA GLY B 181 16.42 11.99 -21.39
C GLY B 181 17.58 12.51 -20.54
N SER B 182 17.37 13.65 -19.87
CA SER B 182 18.39 14.23 -19.00
C SER B 182 17.72 15.00 -17.86
N VAL B 183 18.45 15.12 -16.74
CA VAL B 183 18.05 15.98 -15.63
C VAL B 183 19.27 16.80 -15.24
N THR B 184 19.14 18.13 -15.36
CA THR B 184 20.23 19.06 -15.08
C THR B 184 19.89 19.80 -13.78
N LEU B 185 20.84 19.80 -12.84
CA LEU B 185 20.69 20.48 -11.56
C LEU B 185 21.78 21.54 -11.47
N ARG B 186 21.44 22.78 -11.13
CA ARG B 186 22.46 23.81 -11.04
C ARG B 186 22.96 23.89 -9.61
N GLN B 187 24.27 24.17 -9.45
CA GLN B 187 24.85 24.58 -8.18
C GLN B 187 23.97 25.67 -7.58
N HIS B 188 23.48 25.45 -6.36
CA HIS B 188 22.54 26.38 -5.74
C HIS B 188 22.50 26.15 -4.24
N THR B 189 22.69 27.23 -3.47
CA THR B 189 22.38 27.21 -2.06
C THR B 189 20.96 27.72 -1.87
N ASN B 190 20.11 26.89 -1.27
CA ASN B 190 18.69 27.18 -1.09
C ASN B 190 18.49 27.73 0.32
N VAL B 191 18.23 29.04 0.40
CA VAL B 191 18.22 29.75 1.67
C VAL B 191 17.00 29.38 2.49
N GLU B 192 15.86 29.10 1.83
CA GLU B 192 14.61 28.84 2.50
C GLU B 192 14.49 27.35 2.87
N LYS B 193 15.08 26.48 2.03
CA LYS B 193 15.04 25.04 2.22
C LYS B 193 16.44 24.48 2.03
N PRO B 194 17.38 24.72 2.98
CA PRO B 194 18.78 24.32 2.82
C PRO B 194 19.05 22.88 2.40
N ASN B 195 18.20 21.94 2.84
CA ASN B 195 18.35 20.54 2.48
C ASN B 195 18.15 20.34 0.98
N GLU B 196 17.51 21.29 0.30
CA GLU B 196 17.29 21.21 -1.14
C GLU B 196 18.49 21.74 -1.92
N SER B 197 19.55 22.20 -1.23
CA SER B 197 20.73 22.79 -1.86
C SER B 197 21.53 21.76 -2.65
N ILE B 198 22.16 22.26 -3.73
CA ILE B 198 23.08 21.49 -4.57
C ILE B 198 24.48 22.11 -4.41
N GLU B 199 25.41 21.32 -3.85
CA GLU B 199 26.79 21.75 -3.68
C GLU B 199 27.69 20.91 -4.59
N ILE B 200 28.54 21.59 -5.38
CA ILE B 200 29.58 20.94 -6.16
C ILE B 200 30.93 21.51 -5.74
N GLU B 201 31.83 20.63 -5.25
CA GLU B 201 33.24 20.96 -5.10
C GLU B 201 34.00 20.21 -6.21
N LEU B 202 34.77 20.95 -6.99
CA LEU B 202 35.24 20.51 -8.29
C LEU B 202 36.69 20.96 -8.44
N SER B 203 37.58 20.03 -8.79
CA SER B 203 38.92 20.41 -9.22
C SER B 203 39.05 20.28 -10.74
N GLU B 204 38.14 19.52 -11.36
CA GLU B 204 38.21 19.20 -12.77
C GLU B 204 36.86 18.64 -13.23
N PRO B 205 36.31 19.09 -14.38
CA PRO B 205 35.08 18.51 -14.93
C PRO B 205 35.25 17.01 -15.22
N VAL B 206 34.16 16.25 -15.05
CA VAL B 206 34.19 14.81 -15.22
C VAL B 206 32.91 14.35 -15.90
N SER B 207 33.03 13.26 -16.67
CA SER B 207 31.91 12.66 -17.38
C SER B 207 32.07 11.14 -17.39
N LEU B 208 31.18 10.43 -16.69
CA LEU B 208 31.28 8.98 -16.52
C LEU B 208 29.90 8.36 -16.64
N THR B 209 29.88 7.08 -17.02
CA THR B 209 28.64 6.35 -17.27
C THR B 209 28.58 5.13 -16.35
N PHE B 210 27.37 4.87 -15.82
CA PHE B 210 27.17 3.86 -14.79
C PHE B 210 25.88 3.08 -15.09
N SER B 211 25.78 1.87 -14.52
CA SER B 211 24.53 1.12 -14.56
C SER B 211 23.52 1.71 -13.56
N LEU B 212 22.30 1.98 -14.04
CA LEU B 212 21.25 2.59 -13.25
C LEU B 212 20.72 1.61 -12.20
N LYS B 213 20.57 0.33 -12.58
CA LYS B 213 20.02 -0.65 -11.65
C LYS B 213 20.73 -0.53 -10.31
N TYR B 214 22.07 -0.41 -10.32
CA TYR B 214 22.85 -0.41 -9.09
C TYR B 214 22.64 0.90 -8.34
N LEU B 215 22.62 2.03 -9.05
CA LEU B 215 22.41 3.33 -8.42
C LEU B 215 21.05 3.38 -7.73
N VAL B 216 20.03 2.79 -8.37
CA VAL B 216 18.69 2.73 -7.81
C VAL B 216 18.70 1.90 -6.53
N ASN B 217 19.46 0.79 -6.53
CA ASN B 217 19.62 -0.02 -5.32
C ASN B 217 20.30 0.79 -4.22
N PHE B 218 21.32 1.58 -4.57
CA PHE B 218 22.02 2.40 -3.59
C PHE B 218 21.04 3.37 -2.92
N CYS B 219 20.01 3.81 -3.65
CA CYS B 219 19.07 4.80 -3.15
C CYS B 219 18.03 4.21 -2.21
N LYS B 220 18.07 2.88 -2.00
CA LYS B 220 17.29 2.25 -0.94
C LYS B 220 17.78 2.77 0.42
N ALA B 221 18.97 3.37 0.44
CA ALA B 221 19.58 3.89 1.65
C ALA B 221 19.13 5.32 1.95
N SER B 222 18.21 5.87 1.15
CA SER B 222 17.93 7.31 1.15
C SER B 222 17.31 7.77 2.47
N ALA B 223 16.68 6.87 3.23
CA ALA B 223 16.05 7.23 4.50
C ALA B 223 17.09 7.43 5.60
N LEU B 224 18.35 7.06 5.33
CA LEU B 224 19.42 7.21 6.30
C LEU B 224 19.78 8.68 6.49
N SER B 225 19.68 9.46 5.41
CA SER B 225 20.10 10.84 5.45
C SER B 225 19.35 11.65 4.38
N ASN B 226 19.13 12.93 4.67
CA ASN B 226 18.49 13.85 3.74
C ASN B 226 19.46 14.29 2.64
N THR B 227 20.78 14.06 2.85
CA THR B 227 21.76 14.36 1.83
C THR B 227 22.51 13.09 1.41
N VAL B 228 22.91 13.06 0.15
CA VAL B 228 23.81 12.05 -0.38
C VAL B 228 25.00 12.76 -0.99
N LYS B 229 26.17 12.10 -0.89
CA LYS B 229 27.38 12.60 -1.50
C LYS B 229 27.76 11.69 -2.66
N ILE B 230 28.02 12.30 -3.83
CA ILE B 230 28.38 11.57 -5.03
C ILE B 230 29.78 12.02 -5.47
N CYS B 231 30.73 11.07 -5.52
CA CYS B 231 32.12 11.42 -5.77
C CYS B 231 32.61 10.72 -7.03
N LEU B 232 33.21 11.52 -7.94
CA LEU B 232 33.52 11.10 -9.29
C LEU B 232 34.99 11.34 -9.58
N SER B 233 35.65 10.38 -10.26
CA SER B 233 36.92 10.60 -10.93
C SER B 233 37.03 9.64 -12.10
N ASN B 234 37.89 9.95 -13.08
CA ASN B 234 38.10 9.08 -14.22
C ASN B 234 38.92 7.86 -13.80
N GLU B 235 39.74 8.02 -12.74
CA GLU B 235 40.70 7.00 -12.38
C GLU B 235 40.03 5.88 -11.57
N VAL B 236 38.88 6.15 -10.94
CA VAL B 236 38.41 5.29 -9.85
C VAL B 236 36.92 5.02 -10.00
N PRO B 237 36.37 4.05 -9.23
CA PRO B 237 34.92 3.88 -9.11
C PRO B 237 34.19 5.05 -8.48
N LEU B 238 32.91 5.17 -8.84
CA LEU B 238 32.00 6.12 -8.21
C LEU B 238 31.86 5.78 -6.74
N LEU B 239 31.81 6.83 -5.91
CA LEU B 239 31.42 6.68 -4.52
C LEU B 239 30.08 7.36 -4.29
N VAL B 240 29.12 6.61 -3.76
CA VAL B 240 27.87 7.16 -3.26
C VAL B 240 27.85 6.94 -1.75
N GLU B 241 27.81 8.04 -0.99
CA GLU B 241 28.00 8.01 0.45
C GLU B 241 26.79 8.61 1.16
N TYR B 242 26.29 7.89 2.17
CA TYR B 242 25.33 8.43 3.13
C TYR B 242 25.95 8.49 4.51
N SER B 243 25.74 9.61 5.20
CA SER B 243 26.20 9.77 6.57
C SER B 243 25.27 9.03 7.51
N LEU B 244 25.85 8.30 8.47
CA LEU B 244 25.10 7.63 9.52
C LEU B 244 25.20 8.39 10.83
N GLY B 245 25.65 9.64 10.77
CA GLY B 245 25.87 10.44 11.97
C GLY B 245 27.32 10.38 12.43
N GLY B 246 27.82 11.52 12.93
CA GLY B 246 29.25 11.66 13.23
C GLY B 246 30.07 11.37 11.98
N SER B 247 31.09 10.52 12.12
CA SER B 247 31.90 10.11 10.99
C SER B 247 31.58 8.66 10.58
N SER B 248 30.43 8.13 11.03
CA SER B 248 29.96 6.84 10.56
C SER B 248 29.34 7.03 9.17
N TYR B 249 29.28 5.95 8.38
CA TYR B 249 28.90 6.07 6.99
C TYR B 249 28.43 4.73 6.41
N LEU B 250 27.66 4.82 5.33
CA LEU B 250 27.40 3.71 4.42
C LEU B 250 27.78 4.14 3.01
N ARG B 251 28.75 3.42 2.42
CA ARG B 251 29.32 3.80 1.14
C ARG B 251 29.06 2.71 0.11
N PHE B 252 28.74 3.15 -1.11
CA PHE B 252 28.56 2.28 -2.26
C PHE B 252 29.57 2.67 -3.33
N TYR B 253 30.29 1.67 -3.84
CA TYR B 253 31.27 1.89 -4.88
C TYR B 253 30.81 1.16 -6.14
N LEU B 254 30.94 1.84 -7.30
CA LEU B 254 30.50 1.26 -8.57
C LEU B 254 31.48 1.69 -9.66
N ALA B 255 32.07 0.71 -10.36
CA ALA B 255 32.97 1.01 -11.47
C ALA B 255 32.19 1.63 -12.63
N PRO B 256 32.77 2.60 -13.36
CA PRO B 256 32.14 3.12 -14.57
C PRO B 256 32.19 2.13 -15.73
N LYS B 257 31.24 2.27 -16.66
CA LYS B 257 31.11 1.36 -17.79
C LYS B 257 32.28 1.56 -18.75
N ILE B 258 32.81 0.43 -19.24
CA ILE B 258 33.91 0.41 -20.20
C ILE B 258 33.45 -0.37 -21.44
N ALA C 4 7.71 24.52 -34.93
CA ALA C 4 6.34 24.28 -35.45
C ALA C 4 5.34 24.19 -34.31
N LEU C 5 5.63 23.35 -33.31
CA LEU C 5 4.80 23.26 -32.11
C LEU C 5 5.59 23.76 -30.90
N GLU C 6 4.98 24.66 -30.12
CA GLU C 6 5.48 25.01 -28.81
C GLU C 6 4.28 25.23 -27.88
N ALA C 7 4.09 24.30 -26.94
CA ALA C 7 2.92 24.30 -26.08
C ALA C 7 3.35 24.11 -24.63
N ARG C 8 3.04 25.09 -23.76
CA ARG C 8 3.47 25.11 -22.38
C ARG C 8 2.27 24.89 -21.46
N LEU C 9 2.35 23.86 -20.61
CA LEU C 9 1.34 23.51 -19.62
C LEU C 9 1.84 23.91 -18.25
N GLU C 10 1.04 24.71 -17.54
CA GLU C 10 1.44 25.20 -16.24
C GLU C 10 1.65 24.02 -15.28
N GLN C 11 0.82 22.99 -15.39
CA GLN C 11 0.90 21.82 -14.51
C GLN C 11 0.90 20.52 -15.31
N ALA C 12 2.04 19.84 -15.30
CA ALA C 12 2.28 18.64 -16.08
C ALA C 12 1.47 17.45 -15.57
N SER C 13 1.10 17.50 -14.27
CA SER C 13 0.22 16.52 -13.63
C SER C 13 -0.85 15.98 -14.60
N ILE C 14 -1.57 16.91 -15.24
CA ILE C 14 -2.76 16.60 -16.02
C ILE C 14 -2.42 15.62 -17.14
N LEU C 15 -1.32 15.86 -17.87
CA LEU C 15 -1.00 15.03 -19.02
C LEU C 15 -0.54 13.64 -18.55
N LYS C 16 0.22 13.61 -17.45
CA LYS C 16 0.62 12.34 -16.85
C LYS C 16 -0.60 11.48 -16.56
N LYS C 17 -1.61 12.08 -15.90
CA LYS C 17 -2.79 11.35 -15.45
C LYS C 17 -3.63 10.88 -16.63
N VAL C 18 -3.73 11.71 -17.68
CA VAL C 18 -4.49 11.37 -18.86
C VAL C 18 -3.90 10.12 -19.54
N VAL C 19 -2.57 10.13 -19.76
CA VAL C 19 -1.92 9.05 -20.47
C VAL C 19 -2.01 7.76 -19.64
N ASP C 20 -1.82 7.89 -18.33
CA ASP C 20 -1.94 6.75 -17.43
C ASP C 20 -3.37 6.19 -17.49
N ALA C 21 -4.35 7.06 -17.72
CA ALA C 21 -5.75 6.67 -17.73
C ALA C 21 -6.16 6.00 -19.05
N ILE C 22 -5.28 6.04 -20.05
CA ILE C 22 -5.64 5.72 -21.42
C ILE C 22 -4.84 4.52 -21.94
N LYS C 23 -3.68 4.26 -21.31
CA LYS C 23 -2.64 3.44 -21.91
C LYS C 23 -3.02 1.96 -21.99
N ASP C 24 -4.01 1.53 -21.19
CA ASP C 24 -4.44 0.14 -21.20
C ASP C 24 -5.52 -0.06 -22.27
N LEU C 25 -6.23 1.01 -22.65
CA LEU C 25 -7.23 0.95 -23.70
C LEU C 25 -6.59 1.13 -25.07
N VAL C 26 -5.58 1.99 -25.14
CA VAL C 26 -4.98 2.41 -26.40
C VAL C 26 -3.46 2.37 -26.24
N GLN C 27 -2.81 1.56 -27.07
CA GLN C 27 -1.36 1.37 -26.96
C GLN C 27 -0.68 2.47 -27.78
N ASP C 28 -1.09 2.58 -29.04
CA ASP C 28 -0.53 3.52 -30.00
C ASP C 28 -1.62 4.48 -30.45
N CYS C 29 -1.25 5.75 -30.65
CA CYS C 29 -2.19 6.75 -31.12
C CYS C 29 -1.46 8.01 -31.58
N ASN C 30 -2.20 8.86 -32.28
CA ASN C 30 -1.73 10.17 -32.66
C ASN C 30 -2.27 11.23 -31.71
N PHE C 31 -1.38 12.12 -31.30
CA PHE C 31 -1.77 13.41 -30.74
C PHE C 31 -1.83 14.41 -31.89
N ASP C 32 -3.05 14.75 -32.31
CA ASP C 32 -3.27 15.69 -33.39
C ASP C 32 -3.26 17.10 -32.81
N CYS C 33 -2.32 17.92 -33.29
CA CYS C 33 -2.15 19.29 -32.83
C CYS C 33 -2.56 20.26 -33.94
N ASN C 34 -3.36 21.27 -33.57
CA ASN C 34 -3.74 22.35 -34.47
C ASN C 34 -3.99 23.61 -33.66
N ASP C 35 -4.61 24.63 -34.27
CA ASP C 35 -4.83 25.93 -33.67
C ASP C 35 -5.73 25.83 -32.46
N SER C 36 -6.66 24.85 -32.46
CA SER C 36 -7.61 24.65 -31.38
C SER C 36 -6.95 24.03 -30.15
N GLY C 37 -5.84 23.31 -30.36
CA GLY C 37 -5.15 22.64 -29.26
C GLY C 37 -4.74 21.23 -29.66
N ILE C 38 -4.63 20.36 -28.64
CA ILE C 38 -4.08 19.02 -28.81
C ILE C 38 -5.18 17.99 -28.55
N ALA C 39 -5.51 17.21 -29.57
CA ALA C 39 -6.60 16.24 -29.52
C ALA C 39 -6.04 14.83 -29.67
N LEU C 40 -6.83 13.84 -29.23
CA LEU C 40 -6.52 12.44 -29.39
C LEU C 40 -7.81 11.67 -29.59
N GLN C 41 -7.83 10.78 -30.59
CA GLN C 41 -8.98 9.91 -30.83
C GLN C 41 -8.50 8.52 -31.22
N ALA C 42 -9.03 7.49 -30.54
CA ALA C 42 -8.65 6.11 -30.83
C ALA C 42 -9.70 5.15 -30.30
N MET C 43 -9.82 4.00 -30.99
CA MET C 43 -10.71 2.92 -30.60
C MET C 43 -9.86 1.77 -30.07
N ASP C 44 -10.38 1.01 -29.10
CA ASP C 44 -9.58 -0.01 -28.46
C ASP C 44 -9.43 -1.20 -29.40
N ASN C 45 -8.54 -2.13 -28.99
CA ASN C 45 -8.14 -3.24 -29.83
C ASN C 45 -9.35 -4.11 -30.18
N SER C 46 -10.37 -4.14 -29.32
CA SER C 46 -11.49 -5.05 -29.47
C SER C 46 -12.73 -4.37 -30.07
N HIS C 47 -12.61 -3.06 -30.37
CA HIS C 47 -13.63 -2.32 -31.11
C HIS C 47 -14.89 -2.12 -30.28
N VAL C 48 -14.72 -1.94 -28.97
CA VAL C 48 -15.84 -1.74 -28.06
C VAL C 48 -15.89 -0.29 -27.60
N ALA C 49 -14.72 0.29 -27.29
CA ALA C 49 -14.62 1.60 -26.65
C ALA C 49 -13.88 2.58 -27.56
N LEU C 50 -14.24 3.86 -27.41
CA LEU C 50 -13.56 4.95 -28.09
C LEU C 50 -13.06 5.95 -27.04
N VAL C 51 -11.80 6.39 -27.19
CA VAL C 51 -11.22 7.45 -26.38
C VAL C 51 -11.18 8.73 -27.21
N SER C 52 -11.64 9.84 -26.59
CA SER C 52 -11.53 11.16 -27.20
C SER C 52 -11.07 12.20 -26.19
N MET C 53 -9.90 12.81 -26.43
CA MET C 53 -9.34 13.84 -25.57
C MET C 53 -9.17 15.14 -26.35
N MET C 54 -9.37 16.26 -25.66
CA MET C 54 -9.09 17.57 -26.22
C MET C 54 -8.54 18.46 -25.10
N LEU C 55 -7.25 18.82 -25.23
CA LEU C 55 -6.62 19.87 -24.46
C LEU C 55 -6.64 21.15 -25.30
N LYS C 56 -7.44 22.13 -24.86
CA LYS C 56 -7.70 23.32 -25.66
C LYS C 56 -6.51 24.27 -25.57
N ALA C 57 -6.26 25.01 -26.66
CA ALA C 57 -5.16 25.96 -26.78
C ALA C 57 -5.15 26.93 -25.60
N GLU C 58 -6.34 27.33 -25.16
CA GLU C 58 -6.47 28.32 -24.09
C GLU C 58 -5.91 27.77 -22.78
N GLY C 59 -5.87 26.44 -22.64
CA GLY C 59 -5.33 25.79 -21.45
C GLY C 59 -3.80 25.88 -21.37
N PHE C 60 -3.15 26.16 -22.50
CA PHE C 60 -1.71 26.38 -22.52
C PHE C 60 -1.41 27.88 -22.43
N SER C 61 -0.15 28.18 -22.10
CA SER C 61 0.34 29.55 -22.02
C SER C 61 1.85 29.53 -22.12
N PRO C 62 2.46 29.71 -23.32
CA PRO C 62 1.71 29.91 -24.56
C PRO C 62 1.40 28.64 -25.35
N TYR C 63 0.62 28.82 -26.42
CA TYR C 63 0.34 27.77 -27.38
C TYR C 63 0.60 28.29 -28.79
N ARG C 64 1.43 27.56 -29.54
CA ARG C 64 1.80 27.94 -30.90
C ARG C 64 1.89 26.68 -31.74
N CYS C 65 1.04 26.59 -32.77
CA CYS C 65 1.02 25.45 -33.68
C CYS C 65 0.87 25.98 -35.11
N ASP C 66 1.95 25.85 -35.90
CA ASP C 66 2.05 26.49 -37.21
C ASP C 66 1.15 25.80 -38.23
N ARG C 67 0.87 24.51 -38.01
CA ARG C 67 -0.06 23.78 -38.86
C ARG C 67 -0.48 22.50 -38.14
N ASN C 68 -1.28 21.68 -38.81
CA ASN C 68 -1.62 20.36 -38.31
C ASN C 68 -0.35 19.53 -38.18
N ILE C 69 -0.23 18.88 -37.04
CA ILE C 69 0.91 18.04 -36.70
C ILE C 69 0.35 16.81 -36.00
N ALA C 70 0.73 15.64 -36.50
CA ALA C 70 0.38 14.39 -35.88
C ALA C 70 1.60 13.86 -35.13
N LEU C 71 1.48 13.68 -33.81
CA LEU C 71 2.54 13.10 -33.00
C LEU C 71 2.19 11.64 -32.72
N GLY C 72 2.81 10.74 -33.48
CA GLY C 72 2.57 9.31 -33.36
C GLY C 72 3.40 8.72 -32.22
N VAL C 73 2.68 8.30 -31.17
CA VAL C 73 3.28 7.96 -29.89
C VAL C 73 2.80 6.58 -29.46
N ASN C 74 3.70 5.81 -28.83
CA ASN C 74 3.35 4.67 -28.01
C ASN C 74 3.14 5.17 -26.59
N LEU C 75 1.98 4.87 -26.01
CA LEU C 75 1.59 5.47 -24.74
C LEU C 75 2.37 4.86 -23.58
N THR C 76 2.75 3.58 -23.69
CA THR C 76 3.60 2.96 -22.69
C THR C 76 4.95 3.69 -22.65
N SER C 77 5.48 4.02 -23.83
CA SER C 77 6.73 4.76 -23.92
C SER C 77 6.57 6.16 -23.32
N LEU C 78 5.46 6.83 -23.66
CA LEU C 78 5.23 8.18 -23.19
C LEU C 78 5.06 8.21 -21.67
N THR C 79 4.47 7.16 -21.11
CA THR C 79 4.28 7.01 -19.67
C THR C 79 5.63 7.02 -18.95
N LYS C 80 6.61 6.32 -19.52
CA LYS C 80 7.95 6.25 -18.93
C LYS C 80 8.55 7.65 -18.81
N VAL C 81 8.29 8.50 -19.81
CA VAL C 81 8.79 9.88 -19.81
C VAL C 81 7.98 10.73 -18.83
N LEU C 82 6.65 10.60 -18.87
CA LEU C 82 5.78 11.46 -18.09
C LEU C 82 5.93 11.19 -16.59
N ARG C 83 6.30 9.94 -16.24
CA ARG C 83 6.53 9.59 -14.84
C ARG C 83 7.59 10.50 -14.23
N ALA C 84 8.47 11.06 -15.08
CA ALA C 84 9.58 11.87 -14.62
C ALA C 84 9.16 13.32 -14.35
N ALA C 85 7.92 13.68 -14.67
CA ALA C 85 7.41 14.99 -14.29
C ALA C 85 6.77 14.89 -12.91
N GLN C 86 7.14 15.82 -12.02
CA GLN C 86 6.44 15.97 -10.76
C GLN C 86 5.13 16.69 -11.04
N ASN C 87 4.16 16.55 -10.11
CA ASN C 87 2.83 17.07 -10.33
C ASN C 87 2.88 18.59 -10.55
N GLU C 88 3.77 19.28 -9.83
CA GLU C 88 3.82 20.73 -9.86
C GLU C 88 4.86 21.23 -10.89
N ASP C 89 5.33 20.35 -11.77
CA ASP C 89 6.24 20.77 -12.82
C ASP C 89 5.49 21.51 -13.93
N ILE C 90 6.20 22.45 -14.56
CA ILE C 90 5.76 23.06 -15.82
C ILE C 90 6.25 22.16 -16.95
N LEU C 91 5.37 21.85 -17.89
CA LEU C 91 5.68 21.00 -19.03
C LEU C 91 5.59 21.79 -20.33
N THR C 92 6.63 21.68 -21.18
CA THR C 92 6.61 22.30 -22.49
C THR C 92 6.84 21.24 -23.56
N LEU C 93 5.93 21.20 -24.55
CA LEU C 93 6.04 20.34 -25.71
C LEU C 93 6.57 21.15 -26.89
N LYS C 94 7.60 20.62 -27.57
CA LYS C 94 8.11 21.21 -28.79
C LYS C 94 8.27 20.12 -29.85
N ALA C 95 8.07 20.51 -31.11
CA ALA C 95 8.32 19.63 -32.25
C ALA C 95 8.47 20.49 -33.49
N GLU C 96 9.38 20.12 -34.41
CA GLU C 96 9.47 20.85 -35.66
C GLU C 96 8.57 20.18 -36.69
N ASP C 97 8.52 20.76 -37.90
CA ASP C 97 7.80 20.16 -39.01
C ASP C 97 8.37 18.78 -39.32
N PRO C 99 8.00 15.82 -37.79
CA PRO C 99 8.96 15.54 -36.72
C PRO C 99 9.28 14.06 -36.55
N ASP C 100 10.52 13.78 -36.08
CA ASP C 100 10.94 12.43 -35.75
C ASP C 100 10.81 12.19 -34.25
N VAL C 101 10.95 13.26 -33.44
CA VAL C 101 10.88 13.14 -32.00
C VAL C 101 9.96 14.23 -31.46
N LEU C 102 9.39 13.97 -30.28
CA LEU C 102 8.74 15.00 -29.48
C LEU C 102 9.70 15.43 -28.38
N ASN C 103 9.89 16.74 -28.23
CA ASN C 103 10.72 17.31 -27.17
C ASN C 103 9.82 17.71 -25.99
N LEU C 104 10.07 17.10 -24.83
CA LEU C 104 9.36 17.41 -23.60
C LEU C 104 10.36 17.98 -22.59
N VAL C 105 9.97 19.09 -21.95
CA VAL C 105 10.78 19.75 -20.94
C VAL C 105 9.93 19.90 -19.67
N PHE C 106 10.44 19.40 -18.54
CA PHE C 106 9.79 19.55 -17.25
C PHE C 106 10.64 20.46 -16.37
N GLU C 107 10.02 21.56 -15.92
CA GLU C 107 10.69 22.58 -15.13
C GLU C 107 10.06 22.62 -13.74
N SER C 108 10.92 22.75 -12.72
CA SER C 108 10.46 22.89 -11.34
C SER C 108 9.74 24.22 -11.16
N THR C 111 12.67 25.04 -7.62
CA THR C 111 14.11 24.94 -7.95
C THR C 111 14.32 25.36 -9.40
N ASP C 112 15.58 25.26 -9.87
CA ASP C 112 15.92 25.56 -11.25
C ASP C 112 16.09 24.27 -12.06
N ARG C 113 15.57 23.13 -11.57
CA ARG C 113 15.76 21.82 -12.19
C ARG C 113 15.07 21.76 -13.55
N ILE C 114 15.76 21.24 -14.56
CA ILE C 114 15.21 21.01 -15.89
C ILE C 114 15.37 19.54 -16.23
N SER C 115 14.25 18.91 -16.62
CA SER C 115 14.28 17.59 -17.23
C SER C 115 13.89 17.74 -18.69
N GLU C 116 14.61 17.04 -19.58
CA GLU C 116 14.38 17.17 -21.01
C GLU C 116 14.49 15.79 -21.67
N TYR C 117 13.47 15.47 -22.47
CA TYR C 117 13.36 14.18 -23.13
C TYR C 117 13.10 14.39 -24.61
N ASP C 118 13.78 13.60 -25.45
CA ASP C 118 13.45 13.52 -26.85
C ASP C 118 12.83 12.15 -27.10
N LEU C 119 11.50 12.12 -27.20
CA LEU C 119 10.76 10.89 -27.37
C LEU C 119 10.68 10.56 -28.87
N LYS C 120 11.14 9.36 -29.24
CA LYS C 120 11.08 8.91 -30.62
C LYS C 120 9.62 8.71 -31.00
N LEU C 121 9.21 9.30 -32.13
CA LEU C 121 7.85 9.17 -32.66
C LEU C 121 7.79 7.99 -33.62
N MET C 122 6.58 7.48 -33.86
CA MET C 122 6.31 6.50 -34.90
C MET C 122 5.29 7.07 -35.86
N ASP C 123 5.11 6.40 -37.00
CA ASP C 123 4.11 6.79 -37.98
C ASP C 123 2.86 5.94 -37.74
N ILE C 124 1.76 6.61 -37.40
CA ILE C 124 0.46 5.98 -37.24
C ILE C 124 -0.51 6.70 -38.18
N ASP C 125 -1.37 5.96 -38.87
CA ASP C 125 -2.29 6.52 -39.85
C ASP C 125 -3.47 7.15 -39.12
N GLN C 126 -3.79 8.39 -39.50
CA GLN C 126 -4.79 9.22 -38.81
C GLN C 126 -6.08 8.44 -38.54
N LEU C 129 -12.34 10.18 -37.13
CA LEU C 129 -13.16 9.99 -35.90
C LEU C 129 -13.70 11.34 -35.41
N GLY C 130 -14.58 11.96 -36.21
CA GLY C 130 -15.41 13.05 -35.72
C GLY C 130 -16.67 12.51 -35.06
N ILE C 131 -16.91 12.85 -33.79
CA ILE C 131 -18.08 12.39 -33.06
C ILE C 131 -19.12 13.50 -33.09
N PRO C 132 -20.31 13.28 -33.71
CA PRO C 132 -21.35 14.31 -33.80
C PRO C 132 -21.99 14.61 -32.45
N GLU C 133 -22.28 15.89 -32.23
CA GLU C 133 -22.88 16.36 -30.99
C GLU C 133 -24.27 15.76 -30.84
N THR C 134 -24.50 15.10 -29.69
CA THR C 134 -25.75 14.46 -29.36
C THR C 134 -26.33 15.12 -28.11
N GLU C 135 -27.64 15.40 -28.15
CA GLU C 135 -28.38 15.71 -26.94
C GLU C 135 -28.87 14.40 -26.33
N TYR C 136 -28.22 13.99 -25.24
CA TYR C 136 -28.44 12.68 -24.64
C TYR C 136 -29.78 12.63 -23.91
N ALA C 137 -30.32 11.42 -23.79
CA ALA C 137 -31.60 11.19 -23.13
C ALA C 137 -31.48 11.41 -21.62
N ALA C 138 -30.29 11.15 -21.05
CA ALA C 138 -30.07 11.35 -19.63
C ALA C 138 -28.62 11.72 -19.36
N THR C 139 -28.42 12.60 -18.37
CA THR C 139 -27.11 13.02 -17.91
C THR C 139 -27.03 12.82 -16.41
N ILE C 140 -25.91 12.28 -15.91
CA ILE C 140 -25.62 12.32 -14.50
C ILE C 140 -24.27 12.97 -14.29
N THR C 141 -24.23 14.02 -13.44
CA THR C 141 -22.99 14.53 -12.88
C THR C 141 -22.92 14.10 -11.41
N MET C 142 -21.87 13.36 -11.06
CA MET C 142 -21.71 12.81 -9.72
C MET C 142 -20.24 12.89 -9.31
N PRO C 143 -19.89 12.60 -8.04
CA PRO C 143 -18.48 12.53 -7.63
C PRO C 143 -17.78 11.37 -8.33
N SER C 144 -16.59 11.62 -8.90
CA SER C 144 -15.93 10.67 -9.77
C SER C 144 -15.46 9.42 -9.02
N ASN C 145 -15.02 9.60 -7.76
CA ASN C 145 -14.57 8.49 -6.95
C ASN C 145 -15.76 7.63 -6.54
N GLU C 146 -16.95 8.23 -6.47
CA GLU C 146 -18.17 7.48 -6.21
C GLU C 146 -18.45 6.53 -7.37
N PHE C 147 -18.31 7.04 -8.60
CA PHE C 147 -18.52 6.23 -9.79
C PHE C 147 -17.50 5.10 -9.90
N LYS C 148 -16.24 5.39 -9.54
CA LYS C 148 -15.19 4.39 -9.53
C LYS C 148 -15.57 3.25 -8.56
N ARG C 149 -16.03 3.65 -7.38
CA ARG C 149 -16.36 2.75 -6.30
C ARG C 149 -17.50 1.83 -6.71
N ILE C 150 -18.53 2.39 -7.36
CA ILE C 150 -19.69 1.63 -7.80
C ILE C 150 -19.30 0.59 -8.85
N THR C 151 -18.56 1.02 -9.89
CA THR C 151 -18.20 0.13 -10.99
C THR C 151 -17.29 -0.99 -10.49
N THR C 152 -16.29 -0.63 -9.66
CA THR C 152 -15.34 -1.58 -9.11
C THR C 152 -16.07 -2.63 -8.26
N ASP C 153 -17.00 -2.17 -7.42
CA ASP C 153 -17.67 -3.04 -6.47
C ASP C 153 -18.61 -4.01 -7.19
N LEU C 154 -19.38 -3.49 -8.15
CA LEU C 154 -20.30 -4.33 -8.90
C LEU C 154 -19.52 -5.33 -9.77
N MET C 155 -18.33 -4.95 -10.22
CA MET C 155 -17.55 -5.83 -11.09
C MET C 155 -17.07 -7.06 -10.33
N ALA C 156 -17.01 -6.99 -9.00
CA ALA C 156 -16.63 -8.13 -8.17
C ALA C 156 -17.66 -9.26 -8.24
N MET C 157 -18.87 -8.95 -8.72
CA MET C 157 -20.03 -9.84 -8.67
C MET C 157 -20.50 -10.24 -10.07
N SER C 158 -20.17 -9.44 -11.08
CA SER C 158 -20.81 -9.57 -12.38
C SER C 158 -19.95 -8.90 -13.44
N GLU C 159 -20.09 -9.35 -14.69
CA GLU C 159 -19.35 -8.76 -15.80
C GLU C 159 -20.17 -7.67 -16.48
N SER C 160 -21.46 -7.58 -16.12
CA SER C 160 -22.38 -6.68 -16.78
C SER C 160 -23.14 -5.84 -15.76
N VAL C 161 -23.38 -4.57 -16.12
CA VAL C 161 -24.24 -3.69 -15.34
C VAL C 161 -25.34 -3.15 -16.24
N THR C 162 -26.57 -3.15 -15.71
CA THR C 162 -27.70 -2.46 -16.35
C THR C 162 -27.84 -1.08 -15.71
N ILE C 163 -27.91 -0.05 -16.57
CA ILE C 163 -28.06 1.33 -16.11
C ILE C 163 -29.43 1.81 -16.57
N GLU C 164 -30.31 2.12 -15.60
CA GLU C 164 -31.64 2.63 -15.85
C GLU C 164 -31.76 4.05 -15.30
N ALA C 165 -32.33 4.96 -16.11
CA ALA C 165 -32.58 6.32 -15.67
C ALA C 165 -34.07 6.63 -15.85
N ASN C 166 -34.70 7.17 -14.80
CA ASN C 166 -36.15 7.29 -14.75
C ASN C 166 -36.51 8.41 -13.79
N LYS C 167 -37.81 8.52 -13.46
CA LYS C 167 -38.26 9.29 -12.33
C LYS C 167 -37.42 8.93 -11.10
N GLY C 169 -34.48 8.23 -10.17
CA GLY C 169 -33.01 8.36 -10.12
C GLY C 169 -32.31 7.58 -11.23
N VAL C 170 -31.03 7.28 -11.02
CA VAL C 170 -30.28 6.38 -11.87
C VAL C 170 -29.85 5.17 -11.05
N LYS C 171 -30.10 3.98 -11.61
CA LYS C 171 -29.91 2.73 -10.90
C LYS C 171 -28.95 1.86 -11.70
N PHE C 172 -27.85 1.48 -11.05
CA PHE C 172 -26.91 0.52 -11.58
C PHE C 172 -27.21 -0.84 -10.94
N SER C 173 -27.55 -1.85 -11.74
CA SER C 173 -27.89 -3.15 -11.20
C SER C 173 -27.13 -4.26 -11.92
N CYS C 174 -26.98 -5.39 -11.22
CA CYS C 174 -26.32 -6.56 -11.78
C CYS C 174 -26.80 -7.81 -11.04
N GLN C 175 -26.53 -8.97 -11.66
CA GLN C 175 -26.77 -10.25 -11.03
C GLN C 175 -25.55 -11.14 -11.25
N GLY C 176 -25.28 -12.02 -10.27
CA GLY C 176 -24.21 -13.00 -10.37
C GLY C 176 -24.43 -14.16 -9.41
N ASP C 177 -23.41 -15.00 -9.26
CA ASP C 177 -23.49 -16.20 -8.46
C ASP C 177 -23.89 -15.87 -7.03
N ILE C 178 -23.33 -14.79 -6.47
CA ILE C 178 -23.48 -14.51 -5.04
C ILE C 178 -24.85 -13.87 -4.79
N GLY C 179 -25.44 -13.27 -5.82
CA GLY C 179 -26.78 -12.72 -5.73
C GLY C 179 -26.98 -11.51 -6.64
N ASN C 180 -27.76 -10.54 -6.13
CA ASN C 180 -28.10 -9.35 -6.88
C ASN C 180 -27.60 -8.13 -6.13
N GLY C 181 -27.26 -7.08 -6.89
CA GLY C 181 -26.79 -5.84 -6.33
C GLY C 181 -27.20 -4.65 -7.20
N SER C 182 -27.51 -3.53 -6.54
CA SER C 182 -27.85 -2.31 -7.24
C SER C 182 -27.34 -1.11 -6.46
N VAL C 183 -27.07 -0.03 -7.19
CA VAL C 183 -26.74 1.25 -6.58
C VAL C 183 -27.60 2.33 -7.23
N THR C 184 -28.43 2.99 -6.41
CA THR C 184 -29.35 4.00 -6.88
C THR C 184 -28.84 5.37 -6.46
N LEU C 185 -28.80 6.30 -7.41
CA LEU C 185 -28.40 7.69 -7.17
C LEU C 185 -29.59 8.60 -7.48
N ARG C 186 -29.92 9.48 -6.53
CA ARG C 186 -31.09 10.35 -6.63
CA ARG C 186 -31.08 10.34 -6.66
C ARG C 186 -30.61 11.79 -6.73
N GLN C 187 -31.39 12.60 -7.48
CA GLN C 187 -31.14 14.01 -7.69
C GLN C 187 -30.91 14.70 -6.34
N HIS C 188 -29.77 15.38 -6.18
CA HIS C 188 -29.43 16.01 -4.91
C HIS C 188 -28.36 17.08 -5.11
N THR C 189 -28.67 18.31 -4.68
CA THR C 189 -27.71 19.40 -4.67
C THR C 189 -27.09 19.47 -3.28
N ASN C 190 -25.76 19.43 -3.22
CA ASN C 190 -25.04 19.56 -1.97
C ASN C 190 -24.49 20.98 -1.88
N VAL C 191 -25.11 21.81 -1.05
CA VAL C 191 -24.85 23.24 -1.02
C VAL C 191 -23.48 23.51 -0.39
N GLU C 192 -23.09 22.70 0.59
CA GLU C 192 -21.87 22.91 1.36
C GLU C 192 -20.67 22.25 0.67
N LYS C 193 -20.93 21.13 -0.02
CA LYS C 193 -19.89 20.37 -0.72
C LYS C 193 -20.38 20.05 -2.13
N PRO C 194 -20.46 21.05 -3.04
CA PRO C 194 -21.04 20.86 -4.37
C PRO C 194 -20.52 19.68 -5.20
N ASN C 195 -19.24 19.32 -5.01
CA ASN C 195 -18.69 18.16 -5.70
C ASN C 195 -19.37 16.86 -5.29
N GLU C 196 -20.06 16.86 -4.15
CA GLU C 196 -20.78 15.68 -3.67
C GLU C 196 -22.18 15.61 -4.27
N SER C 197 -22.59 16.61 -5.07
CA SER C 197 -23.91 16.68 -5.67
C SER C 197 -24.12 15.57 -6.69
N ILE C 198 -25.40 15.14 -6.82
CA ILE C 198 -25.86 14.33 -7.94
C ILE C 198 -26.79 15.19 -8.78
N GLU C 199 -26.38 15.54 -10.01
CA GLU C 199 -27.21 16.31 -10.91
C GLU C 199 -27.67 15.42 -12.05
N ILE C 200 -28.99 15.29 -12.21
CA ILE C 200 -29.60 14.46 -13.22
C ILE C 200 -30.46 15.37 -14.11
N GLU C 201 -30.15 15.36 -15.41
CA GLU C 201 -31.05 15.87 -16.43
C GLU C 201 -31.62 14.67 -17.17
N LEU C 202 -32.95 14.60 -17.25
CA LEU C 202 -33.63 13.51 -17.94
C LEU C 202 -34.67 14.07 -18.90
N SER C 203 -34.58 13.71 -20.17
CA SER C 203 -35.63 14.03 -21.13
C SER C 203 -36.43 12.79 -21.48
N GLU C 204 -35.89 11.60 -21.17
CA GLU C 204 -36.46 10.34 -21.64
C GLU C 204 -35.89 9.19 -20.83
N PRO C 205 -36.71 8.23 -20.34
CA PRO C 205 -36.17 7.02 -19.70
C PRO C 205 -35.28 6.21 -20.63
N VAL C 206 -34.25 5.58 -20.06
CA VAL C 206 -33.33 4.72 -20.79
C VAL C 206 -32.99 3.51 -19.92
N SER C 207 -32.75 2.36 -20.55
CA SER C 207 -32.31 1.16 -19.86
C SER C 207 -31.37 0.37 -20.77
N LEU C 208 -30.08 0.33 -20.42
CA LEU C 208 -29.05 -0.26 -21.27
C LEU C 208 -28.07 -1.07 -20.42
N THR C 209 -27.39 -2.03 -21.05
CA THR C 209 -26.48 -2.92 -20.36
C THR C 209 -25.07 -2.78 -20.95
N PHE C 210 -24.07 -2.80 -20.06
CA PHE C 210 -22.70 -2.49 -20.41
C PHE C 210 -21.74 -3.47 -19.73
N SER C 211 -20.55 -3.59 -20.32
CA SER C 211 -19.44 -4.33 -19.74
C SER C 211 -18.84 -3.51 -18.61
N LEU C 212 -18.68 -4.14 -17.44
CA LEU C 212 -18.13 -3.44 -16.28
C LEU C 212 -16.63 -3.25 -16.43
N LYS C 213 -15.95 -4.26 -16.97
CA LYS C 213 -14.52 -4.22 -17.24
C LYS C 213 -14.13 -2.85 -17.83
N TYR C 214 -14.85 -2.43 -18.87
CA TYR C 214 -14.53 -1.19 -19.58
C TYR C 214 -14.79 0.04 -18.72
N LEU C 215 -15.93 0.06 -18.01
CA LEU C 215 -16.29 1.18 -17.17
C LEU C 215 -15.24 1.37 -16.08
N VAL C 216 -14.75 0.24 -15.53
CA VAL C 216 -13.73 0.27 -14.49
C VAL C 216 -12.43 0.84 -15.06
N ASN C 217 -12.08 0.48 -16.31
CA ASN C 217 -10.93 1.08 -16.98
C ASN C 217 -11.11 2.59 -17.13
N PHE C 218 -12.32 3.03 -17.50
CA PHE C 218 -12.58 4.45 -17.67
C PHE C 218 -12.35 5.20 -16.35
N CYS C 219 -12.57 4.52 -15.21
CA CYS C 219 -12.46 5.15 -13.90
C CYS C 219 -11.02 5.25 -13.43
N LYS C 220 -10.06 4.76 -14.22
CA LYS C 220 -8.66 5.04 -13.99
C LYS C 220 -8.40 6.54 -14.17
N ALA C 221 -9.35 7.24 -14.81
CA ALA C 221 -9.22 8.66 -15.07
C ALA C 221 -9.73 9.52 -13.90
N SER C 222 -10.19 8.87 -12.82
CA SER C 222 -10.98 9.58 -11.81
C SER C 222 -10.15 10.60 -11.04
N ALA C 223 -8.83 10.47 -11.03
CA ALA C 223 -7.95 11.41 -10.35
C ALA C 223 -7.84 12.74 -11.11
N LEU C 224 -8.34 12.77 -12.35
CA LEU C 224 -8.29 13.97 -13.17
C LEU C 224 -9.24 15.04 -12.63
N SER C 225 -10.37 14.61 -12.07
CA SER C 225 -11.43 15.51 -11.67
C SER C 225 -12.26 14.93 -10.54
N ASN C 226 -12.82 15.79 -9.70
CA ASN C 226 -13.68 15.38 -8.60
C ASN C 226 -15.09 15.05 -9.09
N THR C 227 -15.41 15.43 -10.34
CA THR C 227 -16.70 15.10 -10.92
C THR C 227 -16.54 14.33 -12.22
N VAL C 228 -17.51 13.45 -12.48
CA VAL C 228 -17.62 12.74 -13.75
C VAL C 228 -19.02 12.96 -14.28
N LYS C 229 -19.14 13.03 -15.61
CA LYS C 229 -20.41 13.20 -16.29
C LYS C 229 -20.71 11.92 -17.07
N ILE C 230 -21.91 11.38 -16.88
CA ILE C 230 -22.29 10.13 -17.52
C ILE C 230 -23.54 10.38 -18.36
N CYS C 231 -23.44 10.10 -19.66
CA CYS C 231 -24.52 10.40 -20.59
C CYS C 231 -25.01 9.11 -21.24
N LEU C 232 -26.34 8.97 -21.30
CA LEU C 232 -27.02 7.78 -21.80
C LEU C 232 -27.94 8.17 -22.96
N SER C 233 -27.94 7.33 -24.00
CA SER C 233 -28.88 7.46 -25.10
C SER C 233 -29.20 6.07 -25.64
N ASN C 234 -30.40 5.92 -26.18
CA ASN C 234 -30.80 4.64 -26.77
C ASN C 234 -30.12 4.49 -28.12
N GLU C 235 -29.81 5.62 -28.77
CA GLU C 235 -29.40 5.57 -30.17
C GLU C 235 -27.88 5.33 -30.24
N VAL C 236 -27.12 5.82 -29.24
CA VAL C 236 -25.68 5.97 -29.42
C VAL C 236 -24.96 5.46 -28.18
N PRO C 237 -23.61 5.28 -28.23
CA PRO C 237 -22.85 4.76 -27.10
C PRO C 237 -22.90 5.63 -25.85
N LEU C 238 -22.67 5.00 -24.70
CA LEU C 238 -22.56 5.69 -23.43
C LEU C 238 -21.36 6.64 -23.47
N LEU C 239 -21.50 7.82 -22.89
CA LEU C 239 -20.40 8.75 -22.77
C LEU C 239 -20.05 8.91 -21.30
N VAL C 240 -18.78 8.68 -20.97
CA VAL C 240 -18.23 9.00 -19.65
C VAL C 240 -17.17 10.09 -19.84
N GLU C 241 -17.39 11.26 -19.23
CA GLU C 241 -16.61 12.44 -19.50
C GLU C 241 -15.99 12.98 -18.21
N TYR C 242 -14.68 13.27 -18.25
CA TYR C 242 -13.99 13.99 -17.20
C TYR C 242 -13.47 15.31 -17.72
N SER C 243 -13.53 16.34 -16.86
CA SER C 243 -12.95 17.64 -17.14
C SER C 243 -11.43 17.58 -16.98
N LEU C 244 -10.72 18.20 -17.93
CA LEU C 244 -9.28 18.37 -17.84
C LEU C 244 -8.93 19.82 -17.49
N GLY C 245 -9.90 20.55 -16.92
CA GLY C 245 -9.75 21.98 -16.69
C GLY C 245 -10.35 22.79 -17.84
N GLY C 246 -11.06 23.87 -17.49
CA GLY C 246 -11.75 24.68 -18.47
C GLY C 246 -12.76 23.83 -19.23
N SER C 247 -12.75 23.94 -20.56
CA SER C 247 -13.61 23.14 -21.41
C SER C 247 -12.82 22.04 -22.11
N SER C 248 -11.60 21.75 -21.62
CA SER C 248 -10.86 20.58 -22.07
C SER C 248 -11.48 19.34 -21.45
N TYR C 249 -11.26 18.17 -22.06
CA TYR C 249 -11.98 16.98 -21.62
C TYR C 249 -11.26 15.71 -22.03
N LEU C 250 -11.58 14.63 -21.31
CA LEU C 250 -11.28 13.27 -21.70
C LEU C 250 -12.59 12.49 -21.71
N ARG C 251 -12.95 11.95 -22.88
CA ARG C 251 -14.22 11.26 -23.06
C ARG C 251 -13.97 9.80 -23.39
N PHE C 252 -14.82 8.94 -22.80
CA PHE C 252 -14.85 7.52 -23.11
C PHE C 252 -16.23 7.18 -23.66
N TYR C 253 -16.26 6.45 -24.77
CA TYR C 253 -17.50 5.97 -25.35
C TYR C 253 -17.53 4.45 -25.24
N LEU C 254 -18.69 3.91 -24.84
CA LEU C 254 -18.88 2.47 -24.72
C LEU C 254 -20.22 2.06 -25.32
N ALA C 255 -20.13 1.16 -26.30
CA ALA C 255 -21.31 0.59 -26.93
C ALA C 255 -22.02 -0.31 -25.92
N PRO C 256 -23.37 -0.33 -25.89
CA PRO C 256 -24.12 -1.27 -25.06
C PRO C 256 -24.04 -2.70 -25.58
N LYS C 257 -24.16 -3.68 -24.69
CA LYS C 257 -24.16 -5.08 -25.08
C LYS C 257 -25.51 -5.38 -25.73
N ILE C 258 -25.48 -6.09 -26.87
CA ILE C 258 -26.66 -6.30 -27.70
C ILE C 258 -26.79 -7.80 -27.98
N GLN D 5 -0.49 -30.72 18.20
CA GLN D 5 -1.59 -29.76 17.90
C GLN D 5 -2.94 -30.42 18.20
N GLY D 6 -3.56 -30.04 19.32
CA GLY D 6 -4.87 -30.54 19.69
C GLY D 6 -5.97 -30.01 18.78
N SER D 7 -7.12 -30.72 18.77
CA SER D 7 -8.35 -30.23 18.17
C SER D 7 -9.17 -29.49 19.24
N ILE D 8 -9.83 -28.40 18.85
CA ILE D 8 -10.63 -27.60 19.78
C ILE D 8 -11.78 -28.46 20.32
N MET D 9 -12.24 -29.42 19.52
CA MET D 9 -13.31 -30.34 19.89
C MET D 9 -12.90 -31.32 20.99
N SER D 10 -11.61 -31.40 21.34
CA SER D 10 -11.19 -32.16 22.50
C SER D 10 -11.55 -31.44 23.81
N TRP D 11 -11.75 -30.11 23.74
CA TRP D 11 -12.01 -29.32 24.93
C TRP D 11 -13.47 -28.86 25.01
N PHE D 12 -14.07 -28.59 23.84
CA PHE D 12 -15.45 -28.11 23.78
C PHE D 12 -16.32 -29.19 23.15
N ALA D 13 -17.40 -29.55 23.85
CA ALA D 13 -18.29 -30.63 23.45
C ALA D 13 -19.42 -30.08 22.57
N LYS D 14 -20.14 -30.98 21.89
CA LYS D 14 -21.25 -30.60 21.04
C LYS D 14 -22.40 -30.01 21.87
N LYS D 15 -23.04 -28.97 21.31
CA LYS D 15 -24.27 -28.39 21.82
C LYS D 15 -23.94 -27.18 22.69
#